data_6XI8
#
_entry.id   6XI8
#
_cell.length_a   1.00
_cell.length_b   1.00
_cell.length_c   1.00
_cell.angle_alpha   90.00
_cell.angle_beta   90.00
_cell.angle_gamma   90.00
#
_symmetry.space_group_name_H-M   'P 1'
#
loop_
_entity.id
_entity.type
_entity.pdbx_description
1 polymer 'RNA polymerase II transcription factor B subunit 3'
2 polymer 'Serine/threonine-protein kinase KIN28'
3 polymer 'Cyclin CCL1'
4 non-polymer "ADENOSINE-5'-DIPHOSPHATE"
5 non-polymer 'ALUMINUM FLUORIDE'
#
loop_
_entity_poly.entity_id
_entity_poly.type
_entity_poly.pdbx_seq_one_letter_code
_entity_poly.pdbx_strand_id
1 'polypeptide(L)' PFNGDREAHPPFTLKGSVYNDPFIKDLEHRKEFIASGFNTNYAYERVLTEAFMGLGCVISEEL C
2 'polypeptide(L)'
;VNMEYTKEKKVGEGTYAVVYLGCQHSTGRKIAIKEIKTSEFKDGLDMSAIREVKYLQEMQHPNVIELIDIFMAYDNLNLV
LEFLPTDLEVVIKDKSILFTPADIKAWMLMTLRGVYHCHRNFILHRDLKPNNLLFSPDGQIKVADFGLARAIPAPHEIL
(TPO)SNVVTRWYRAPELLFGAKHYTSAIDIWSVGVIFAELMLRIPYLPGQNDVDQMEVTFRALGTPTDRDWPEVSSFMT
YNKLQIYPPPSRDELRKRFIAASEYALDFMCGMLTMNPQKRWTAVQCLESDYFKELPPPSDPSSIK
;
A
3 'polypeptide(L)'
;DLYRHSSQYRMWSYTKDQLQEKRVDTNARAIAYIEENLLKFREAHNLTEEEIKVLEAKAIPLTMEEELDLVNFYAKKVQV
IAQHLNLPTEVVATAISFFRRFFLENSVMQIDPKSIVHTTIFLACKSENYFISVDSFAQKAKSTRDSVLKFEFKLLESLK
FSLLNHHPYKPLHGFFLDIQNVLYGKVDLNYMGQIYDRCKKRITAALLTDVVYFYTPPQITLATLLIEDEALVTRYLETK
FPSREGSQESVPGNEKEEPQNDASTTEKNKEKSTESEEYSIDSAKLLTIIRECKSIIEDCKPPSTEEAKKIAAKNYYCQN
PSTL
;
B
#
loop_
_chem_comp.id
_chem_comp.type
_chem_comp.name
_chem_comp.formula
ADP non-polymer ADENOSINE-5'-DIPHOSPHATE 'C10 H15 N5 O10 P2'
AF3 non-polymer 'ALUMINUM FLUORIDE' 'Al F3'
#
# COMPACT_ATOMS: atom_id res chain seq x y z
N PRO A 1 33.37 0.88 -13.25
CA PRO A 1 32.85 0.91 -11.89
C PRO A 1 31.52 0.18 -11.77
N PHE A 2 30.87 0.28 -10.61
CA PHE A 2 29.56 -0.31 -10.42
C PHE A 2 28.79 0.52 -9.41
N ASN A 3 27.47 0.35 -9.42
CA ASN A 3 26.59 0.91 -8.42
C ASN A 3 25.83 -0.24 -7.75
N GLY A 4 25.74 -0.18 -6.42
CA GLY A 4 25.01 -1.20 -5.67
C GLY A 4 23.54 -1.18 -5.98
N ASP A 5 22.94 0.00 -5.91
CA ASP A 5 21.58 0.24 -6.34
C ASP A 5 21.63 1.17 -7.55
N ARG A 6 20.90 0.80 -8.62
CA ARG A 6 21.09 1.42 -9.93
C ARG A 6 20.59 2.87 -9.94
N GLU A 7 19.37 3.11 -9.45
CA GLU A 7 18.89 4.48 -9.28
C GLU A 7 17.95 4.48 -8.07
N ALA A 8 18.52 4.76 -6.90
CA ALA A 8 17.75 4.67 -5.66
C ALA A 8 18.14 5.72 -4.63
N HIS A 9 18.54 6.92 -5.06
CA HIS A 9 18.99 7.95 -4.12
C HIS A 9 18.25 9.26 -4.33
N PRO A 10 17.52 9.75 -3.33
CA PRO A 10 16.94 11.10 -3.43
C PRO A 10 17.91 12.15 -2.91
N PRO A 11 17.85 13.38 -3.44
CA PRO A 11 18.82 14.41 -3.04
C PRO A 11 18.38 15.36 -1.93
N PHE A 12 17.21 15.17 -1.33
CA PHE A 12 16.75 16.11 -0.31
C PHE A 12 17.46 15.86 1.03
N THR A 13 17.34 16.83 1.92
CA THR A 13 18.00 16.82 3.22
C THR A 13 16.98 16.61 4.34
N LEU A 14 17.51 16.32 5.53
CA LEU A 14 16.71 16.04 6.71
C LEU A 14 17.54 16.35 7.95
N LYS A 15 16.86 16.73 9.02
CA LYS A 15 17.50 17.01 10.30
C LYS A 15 16.52 16.68 11.41
N GLY A 16 16.68 15.50 12.02
CA GLY A 16 15.70 15.00 12.96
C GLY A 16 15.78 15.53 14.38
N SER A 17 16.79 16.32 14.70
CA SER A 17 16.97 16.84 16.05
C SER A 17 16.38 18.24 16.21
N VAL A 18 15.48 18.65 15.33
CA VAL A 18 14.94 20.00 15.31
C VAL A 18 13.47 20.02 15.73
N TYR A 19 12.71 19.00 15.34
CA TYR A 19 11.25 19.04 15.40
C TYR A 19 10.74 18.86 16.82
N ASN A 20 9.47 19.22 17.00
CA ASN A 20 8.75 19.12 18.27
C ASN A 20 7.37 18.48 18.05
N ASP A 21 7.36 17.34 17.38
CA ASP A 21 6.11 16.68 16.99
C ASP A 21 5.42 16.07 18.20
N PRO A 22 4.12 16.35 18.41
CA PRO A 22 3.44 15.84 19.60
C PRO A 22 2.78 14.48 19.41
N PHE A 23 3.15 13.74 18.35
CA PHE A 23 2.55 12.45 18.09
C PHE A 23 3.54 11.30 18.03
N ILE A 24 4.83 11.57 17.84
CA ILE A 24 5.86 10.54 17.80
C ILE A 24 6.94 10.77 18.86
N LYS A 25 7.34 12.03 19.08
CA LYS A 25 8.34 12.34 20.11
C LYS A 25 7.83 12.05 21.52
N ASP A 26 6.53 12.18 21.76
CA ASP A 26 5.95 11.69 23.01
C ASP A 26 5.65 10.20 22.95
N LEU A 27 5.45 9.63 21.76
CA LEU A 27 5.14 8.22 21.61
C LEU A 27 6.35 7.33 21.84
N GLU A 28 7.55 7.85 21.59
CA GLU A 28 8.79 7.10 21.75
C GLU A 28 9.27 7.06 23.19
N HIS A 29 8.62 7.78 24.10
CA HIS A 29 8.99 7.72 25.51
C HIS A 29 8.41 6.51 26.23
N ARG A 30 7.52 5.76 25.59
CA ARG A 30 6.92 4.60 26.20
C ARG A 30 7.85 3.40 26.12
N LYS A 31 7.47 2.33 26.82
CA LYS A 31 8.35 1.16 26.97
C LYS A 31 8.24 0.24 25.76
N GLU A 32 7.03 -0.18 25.41
CA GLU A 32 6.83 -1.18 24.36
C GLU A 32 7.01 -0.64 22.96
N PHE A 33 7.04 0.69 22.79
CA PHE A 33 7.27 1.27 21.48
C PHE A 33 8.72 1.13 21.06
N ILE A 34 9.65 1.34 22.01
CA ILE A 34 11.08 1.24 21.73
C ILE A 34 11.47 -0.20 21.42
N ALA A 35 10.82 -1.16 22.10
CA ALA A 35 11.16 -2.58 22.07
C ALA A 35 10.90 -3.25 20.73
N SER A 36 10.20 -2.61 19.82
CA SER A 36 9.98 -3.16 18.49
C SER A 36 10.83 -2.48 17.43
N GLY A 37 11.88 -1.78 17.84
CA GLY A 37 12.81 -1.17 16.90
C GLY A 37 12.45 0.21 16.42
N PHE A 38 11.52 0.89 17.09
CA PHE A 38 11.07 2.20 16.64
C PHE A 38 11.99 3.31 17.15
N ASN A 39 12.42 4.15 16.23
CA ASN A 39 13.08 5.42 16.56
C ASN A 39 12.50 6.53 15.70
N THR A 40 12.82 7.77 16.06
CA THR A 40 12.13 8.93 15.50
C THR A 40 12.52 9.19 14.05
N ASN A 41 13.80 9.03 13.70
CA ASN A 41 14.29 9.37 12.37
C ASN A 41 13.77 8.44 11.28
N TYR A 42 13.41 7.21 11.63
CA TYR A 42 12.82 6.29 10.65
C TYR A 42 11.41 6.72 10.26
N ALA A 43 10.61 7.15 11.24
CA ALA A 43 9.27 7.63 10.95
C ALA A 43 9.31 8.96 10.20
N TYR A 44 10.22 9.85 10.59
CA TYR A 44 10.37 11.13 9.91
C TYR A 44 10.89 10.97 8.49
N GLU A 45 11.82 10.04 8.28
CA GLU A 45 12.28 9.73 6.93
C GLU A 45 11.20 9.04 6.11
N ARG A 46 10.31 8.29 6.75
CA ARG A 46 9.15 7.74 6.08
C ARG A 46 8.16 8.81 5.64
N VAL A 47 7.91 9.82 6.46
CA VAL A 47 6.82 10.76 6.20
C VAL A 47 7.29 11.97 5.39
N LEU A 48 8.55 12.40 5.55
CA LEU A 48 9.03 13.58 4.84
C LEU A 48 9.33 13.27 3.38
N THR A 49 9.82 12.08 3.09
CA THR A 49 10.01 11.69 1.69
C THR A 49 8.68 11.43 1.01
N GLU A 50 7.68 10.96 1.76
CA GLU A 50 6.33 10.86 1.23
C GLU A 50 5.69 12.22 1.03
N ALA A 51 6.14 13.24 1.76
CA ALA A 51 5.64 14.59 1.56
C ALA A 51 6.20 15.26 0.30
N PHE A 52 7.22 14.69 -0.33
CA PHE A 52 7.82 15.26 -1.52
C PHE A 52 7.69 14.36 -2.74
N MET A 53 6.91 13.30 -2.64
CA MET A 53 6.70 12.41 -3.79
C MET A 53 5.72 13.05 -4.75
N GLY A 54 6.18 13.31 -5.96
CA GLY A 54 5.31 13.66 -7.06
C GLY A 54 5.15 15.13 -7.38
N LEU A 55 6.17 15.95 -7.15
CA LEU A 55 6.09 17.37 -7.48
C LEU A 55 6.29 17.55 -8.99
N GLY A 56 5.21 17.26 -9.73
CA GLY A 56 5.18 17.36 -11.18
C GLY A 56 4.15 18.37 -11.63
N CYS A 57 3.41 18.05 -12.69
CA CYS A 57 2.43 18.98 -13.23
C CYS A 57 1.32 18.20 -13.93
N VAL A 58 0.41 18.93 -14.57
CA VAL A 58 -0.60 18.33 -15.44
C VAL A 58 -0.20 18.37 -16.90
N ILE A 59 0.88 19.08 -17.24
CA ILE A 59 1.43 19.00 -18.60
C ILE A 59 2.02 17.64 -18.85
N SER A 60 2.58 17.00 -17.81
CA SER A 60 3.16 15.67 -17.92
C SER A 60 2.08 14.59 -17.69
N GLU A 61 1.07 14.62 -18.55
CA GLU A 61 -0.01 13.65 -18.47
C GLU A 61 -0.46 13.16 -19.84
N GLU A 62 0.21 13.57 -20.92
CA GLU A 62 -0.19 13.18 -22.26
C GLU A 62 1.02 13.02 -23.17
N GLU B 4 -3.55 -13.22 -19.22
CA GLU B 4 -3.94 -13.69 -20.54
C GLU B 4 -4.84 -14.91 -20.43
N TYR B 5 -5.59 -15.18 -21.48
CA TYR B 5 -6.56 -16.28 -21.50
C TYR B 5 -5.90 -17.52 -22.09
N THR B 6 -4.87 -17.99 -21.39
CA THR B 6 -4.10 -19.16 -21.80
C THR B 6 -3.78 -19.99 -20.57
N LYS B 7 -3.99 -21.30 -20.65
CA LYS B 7 -3.80 -22.18 -19.52
C LYS B 7 -3.13 -23.49 -19.96
N GLU B 8 -2.39 -24.08 -19.04
CA GLU B 8 -1.82 -25.42 -19.19
C GLU B 8 -1.75 -26.03 -17.79
N LYS B 9 -0.88 -27.03 -17.61
CA LYS B 9 -0.86 -27.88 -16.41
C LYS B 9 -0.58 -27.11 -15.12
N LYS B 10 -1.12 -27.64 -14.03
CA LYS B 10 -1.21 -26.92 -12.76
C LYS B 10 -0.01 -27.23 -11.86
N VAL B 11 0.34 -26.24 -11.03
CA VAL B 11 1.32 -26.39 -9.95
C VAL B 11 0.60 -26.05 -8.66
N GLY B 12 0.89 -26.82 -7.60
CA GLY B 12 0.39 -26.49 -6.29
C GLY B 12 -0.73 -27.39 -5.78
N GLU B 13 -0.47 -28.08 -4.67
CA GLU B 13 -1.48 -28.91 -4.02
C GLU B 13 -2.17 -28.22 -2.86
N GLY B 14 -1.87 -26.95 -2.62
CA GLY B 14 -2.46 -26.23 -1.51
C GLY B 14 -3.90 -25.86 -1.81
N THR B 15 -4.76 -25.90 -0.79
CA THR B 15 -6.17 -25.62 -0.95
C THR B 15 -6.48 -24.12 -1.00
N TYR B 16 -5.54 -23.27 -0.61
CA TYR B 16 -5.78 -21.83 -0.67
C TYR B 16 -5.71 -21.32 -2.11
N ALA B 17 -4.71 -21.77 -2.87
CA ALA B 17 -4.54 -21.34 -4.25
C ALA B 17 -3.78 -22.42 -5.02
N VAL B 18 -4.20 -22.66 -6.25
CA VAL B 18 -3.51 -23.58 -7.16
C VAL B 18 -3.13 -22.77 -8.39
N VAL B 19 -1.83 -22.66 -8.67
CA VAL B 19 -1.39 -21.76 -9.74
C VAL B 19 -1.37 -22.53 -11.05
N TYR B 20 -1.70 -21.83 -12.12
CA TYR B 20 -1.68 -22.38 -13.46
C TYR B 20 -0.38 -21.99 -14.15
N LEU B 21 -0.32 -22.21 -15.46
CA LEU B 21 0.84 -21.85 -16.26
C LEU B 21 0.35 -21.54 -17.66
N GLY B 22 1.18 -20.87 -18.44
CA GLY B 22 0.83 -20.60 -19.82
C GLY B 22 1.60 -19.42 -20.37
N CYS B 23 1.09 -18.90 -21.49
CA CYS B 23 1.71 -17.77 -22.17
C CYS B 23 0.68 -16.67 -22.42
N LYS B 30 4.88 -18.55 -20.66
CA LYS B 30 5.80 -17.54 -20.17
C LYS B 30 5.30 -16.93 -18.86
N ILE B 31 4.02 -17.14 -18.58
CA ILE B 31 3.38 -16.59 -17.39
C ILE B 31 2.84 -17.74 -16.55
N ALA B 32 2.24 -17.39 -15.41
CA ALA B 32 1.63 -18.38 -14.53
C ALA B 32 0.41 -17.75 -13.87
N ILE B 33 -0.76 -18.28 -14.20
CA ILE B 33 -2.03 -17.72 -13.70
C ILE B 33 -2.24 -18.21 -12.27
N LYS B 34 -2.30 -17.29 -11.33
CA LYS B 34 -2.61 -17.61 -9.95
C LYS B 34 -4.09 -17.33 -9.70
N GLU B 35 -4.82 -18.34 -9.24
CA GLU B 35 -6.26 -18.23 -9.01
C GLU B 35 -6.57 -18.39 -7.53
N ILE B 36 -7.28 -17.42 -6.97
CA ILE B 36 -7.73 -17.45 -5.59
C ILE B 36 -9.18 -17.92 -5.58
N LYS B 37 -9.45 -19.05 -4.92
CA LYS B 37 -10.79 -19.61 -4.88
C LYS B 37 -11.65 -18.78 -3.94
N THR B 38 -12.69 -18.14 -4.49
CA THR B 38 -13.54 -17.27 -3.68
C THR B 38 -14.46 -18.05 -2.77
N SER B 39 -15.06 -19.12 -3.27
CA SER B 39 -15.97 -19.94 -2.49
C SER B 39 -15.22 -20.83 -1.50
N LYS B 42 -18.81 -17.23 5.50
CA LYS B 42 -17.75 -16.36 5.94
C LYS B 42 -17.67 -15.11 5.08
N ASP B 43 -16.47 -14.55 4.95
CA ASP B 43 -16.26 -13.37 4.13
C ASP B 43 -16.28 -13.74 2.65
N GLY B 44 -16.51 -12.73 1.81
CA GLY B 44 -16.49 -12.93 0.38
C GLY B 44 -15.08 -13.09 -0.16
N LEU B 45 -14.29 -12.03 -0.07
CA LEU B 45 -12.89 -12.07 -0.46
C LEU B 45 -12.01 -12.05 0.79
N ASP B 46 -10.97 -12.87 0.77
CA ASP B 46 -10.06 -12.99 1.89
C ASP B 46 -9.18 -11.75 2.00
N MET B 47 -8.55 -11.60 3.17
CA MET B 47 -7.59 -10.53 3.38
C MET B 47 -6.36 -10.70 2.52
N SER B 48 -5.89 -11.94 2.35
CA SER B 48 -4.65 -12.24 1.63
C SER B 48 -4.85 -12.42 0.14
N ALA B 49 -5.87 -11.79 -0.44
CA ALA B 49 -6.00 -11.67 -1.90
C ALA B 49 -5.92 -10.22 -2.33
N ILE B 50 -6.74 -9.36 -1.74
CA ILE B 50 -6.58 -7.92 -1.96
C ILE B 50 -5.28 -7.43 -1.32
N ARG B 51 -4.84 -8.07 -0.23
CA ARG B 51 -3.60 -7.73 0.44
C ARG B 51 -2.38 -8.09 -0.40
N GLU B 52 -2.52 -9.04 -1.33
CA GLU B 52 -1.41 -9.40 -2.20
C GLU B 52 -1.52 -8.83 -3.60
N VAL B 53 -2.68 -8.28 -3.99
CA VAL B 53 -2.69 -7.61 -5.28
C VAL B 53 -2.40 -6.12 -5.11
N LYS B 54 -2.76 -5.53 -3.96
CA LYS B 54 -2.75 -4.07 -3.84
C LYS B 54 -1.35 -3.49 -3.68
N TYR B 55 -0.33 -4.28 -3.35
CA TYR B 55 1.02 -3.74 -3.35
C TYR B 55 1.87 -4.29 -4.48
N LEU B 56 1.53 -5.45 -5.03
CA LEU B 56 2.27 -5.99 -6.15
C LEU B 56 1.81 -5.38 -7.47
N GLN B 57 0.66 -4.68 -7.46
CA GLN B 57 0.24 -3.90 -8.62
C GLN B 57 1.15 -2.70 -8.85
N GLU B 58 1.56 -2.01 -7.79
CA GLU B 58 2.20 -0.71 -7.92
C GLU B 58 3.72 -0.75 -7.92
N MET B 59 4.34 -1.92 -7.84
CA MET B 59 5.79 -2.02 -7.90
C MET B 59 6.24 -2.42 -9.31
N GLN B 60 7.23 -1.70 -9.84
CA GLN B 60 7.91 -2.10 -11.06
C GLN B 60 9.41 -2.08 -10.81
N HIS B 61 10.05 -3.23 -10.99
CA HIS B 61 11.46 -3.42 -10.71
C HIS B 61 11.91 -4.69 -11.44
N PRO B 62 13.22 -4.83 -11.70
CA PRO B 62 13.73 -6.13 -12.16
C PRO B 62 14.02 -7.13 -11.05
N ASN B 63 13.51 -6.89 -9.84
CA ASN B 63 13.65 -7.83 -8.75
C ASN B 63 12.35 -8.12 -8.01
N VAL B 64 11.23 -7.55 -8.45
CA VAL B 64 9.90 -7.86 -7.95
C VAL B 64 9.01 -8.04 -9.17
N ILE B 65 8.29 -9.16 -9.24
CA ILE B 65 7.50 -9.46 -10.44
C ILE B 65 6.25 -8.56 -10.49
N GLU B 66 5.72 -8.42 -11.70
CA GLU B 66 4.68 -7.45 -12.00
C GLU B 66 3.49 -8.13 -12.66
N LEU B 67 2.41 -7.39 -12.78
CA LEU B 67 1.17 -7.87 -13.36
C LEU B 67 1.02 -7.39 -14.80
N ILE B 68 0.91 -8.34 -15.72
CA ILE B 68 0.53 -8.00 -17.10
C ILE B 68 -0.95 -7.70 -17.17
N ASP B 69 -1.78 -8.59 -16.62
CA ASP B 69 -3.21 -8.34 -16.52
C ASP B 69 -3.76 -9.07 -15.31
N ILE B 70 -4.80 -8.49 -14.72
CA ILE B 70 -5.46 -8.95 -13.50
C ILE B 70 -6.94 -9.14 -13.84
N PHE B 71 -7.18 -9.69 -15.03
CA PHE B 71 -8.55 -9.82 -15.57
C PHE B 71 -9.41 -10.75 -14.72
N MET B 72 -10.69 -10.37 -14.60
CA MET B 72 -11.61 -11.01 -13.68
C MET B 72 -12.11 -12.34 -14.25
N ALA B 73 -12.19 -13.35 -13.39
CA ALA B 73 -12.77 -14.63 -13.77
C ALA B 73 -14.27 -14.61 -13.51
N TYR B 74 -14.89 -15.79 -13.59
CA TYR B 74 -16.32 -15.87 -13.32
C TYR B 74 -16.62 -15.76 -11.82
N ASP B 75 -15.77 -16.37 -10.98
CA ASP B 75 -15.95 -16.26 -9.53
C ASP B 75 -14.64 -15.94 -8.85
N ASN B 76 -13.52 -16.33 -9.46
CA ASN B 76 -12.21 -16.25 -8.85
C ASN B 76 -11.48 -14.98 -9.31
N LEU B 77 -10.28 -14.79 -8.79
CA LEU B 77 -9.41 -13.68 -9.19
C LEU B 77 -8.16 -14.24 -9.86
N ASN B 78 -7.84 -13.72 -11.04
CA ASN B 78 -6.69 -14.17 -11.80
C ASN B 78 -5.55 -13.16 -11.69
N LEU B 79 -4.33 -13.67 -11.57
CA LEU B 79 -3.11 -12.88 -11.58
C LEU B 79 -2.17 -13.47 -12.63
N VAL B 80 -0.97 -12.89 -12.74
CA VAL B 80 0.11 -13.51 -13.48
C VAL B 80 1.32 -13.63 -12.56
N LEU B 81 2.24 -14.51 -12.95
CA LEU B 81 3.43 -14.83 -12.15
C LEU B 81 4.57 -15.13 -13.12
N GLU B 82 5.60 -15.80 -12.62
CA GLU B 82 6.80 -16.14 -13.36
C GLU B 82 6.84 -17.65 -13.62
N PHE B 83 7.57 -18.04 -14.66
CA PHE B 83 7.61 -19.44 -15.09
C PHE B 83 8.47 -20.32 -14.18
N LEU B 84 9.76 -20.00 -14.06
CA LEU B 84 10.77 -20.93 -13.56
C LEU B 84 10.71 -21.13 -12.05
N PRO B 85 11.23 -22.28 -11.53
CA PRO B 85 11.25 -22.52 -10.08
C PRO B 85 12.16 -21.61 -9.26
N THR B 86 12.23 -21.90 -7.96
CA THR B 86 12.62 -20.96 -6.92
C THR B 86 14.00 -21.28 -6.35
N ASP B 87 14.40 -20.50 -5.34
CA ASP B 87 15.69 -20.62 -4.71
C ASP B 87 15.79 -21.83 -3.79
N LEU B 88 14.65 -22.37 -3.32
CA LEU B 88 14.69 -23.49 -2.38
C LEU B 88 15.11 -24.79 -3.05
N GLU B 89 14.66 -25.02 -4.29
CA GLU B 89 15.09 -26.21 -5.02
C GLU B 89 16.52 -26.09 -5.52
N VAL B 90 17.06 -24.88 -5.60
CA VAL B 90 18.46 -24.70 -5.97
C VAL B 90 19.38 -25.16 -4.84
N VAL B 91 19.05 -24.79 -3.60
CA VAL B 91 19.92 -25.09 -2.46
C VAL B 91 19.86 -26.57 -2.10
N ILE B 92 18.65 -27.14 -2.07
CA ILE B 92 18.46 -28.46 -1.47
C ILE B 92 18.93 -29.60 -2.36
N LYS B 93 19.12 -29.36 -3.67
CA LYS B 93 19.46 -30.47 -4.56
C LYS B 93 20.41 -29.94 -5.65
N ASP B 94 21.71 -30.07 -5.39
CA ASP B 94 22.76 -29.84 -6.37
C ASP B 94 23.97 -30.68 -5.98
N LYS B 95 25.02 -30.59 -6.81
CA LYS B 95 26.28 -31.27 -6.58
C LYS B 95 27.41 -30.26 -6.36
N SER B 96 27.13 -29.25 -5.52
CA SER B 96 28.06 -28.19 -5.09
C SER B 96 28.55 -27.34 -6.27
N ILE B 97 27.60 -26.87 -7.09
CA ILE B 97 27.91 -25.92 -8.15
C ILE B 97 28.26 -24.56 -7.54
N LEU B 98 27.53 -24.17 -6.50
CA LEU B 98 27.58 -22.81 -5.96
C LEU B 98 28.91 -22.54 -5.25
N PHE B 99 29.61 -21.50 -5.69
CA PHE B 99 30.93 -21.18 -5.18
C PHE B 99 30.96 -19.76 -4.64
N THR B 100 31.53 -19.62 -3.45
CA THR B 100 31.67 -18.40 -2.66
C THR B 100 32.42 -17.22 -3.29
N PRO B 101 33.29 -17.38 -4.34
CA PRO B 101 33.69 -16.20 -5.13
C PRO B 101 32.55 -15.35 -5.72
N ALA B 102 31.65 -15.95 -6.50
CA ALA B 102 30.74 -15.10 -7.28
C ALA B 102 29.26 -15.43 -7.11
N ASP B 103 28.91 -16.70 -6.86
CA ASP B 103 27.52 -17.08 -6.83
C ASP B 103 26.80 -16.65 -5.56
N ILE B 104 27.55 -16.34 -4.51
CA ILE B 104 26.96 -15.92 -3.24
C ILE B 104 26.70 -14.42 -3.22
N LYS B 105 27.31 -13.67 -4.14
CA LYS B 105 27.26 -12.21 -4.15
C LYS B 105 26.14 -11.66 -5.01
N ALA B 106 25.93 -12.22 -6.20
CA ALA B 106 24.99 -11.65 -7.17
C ALA B 106 23.55 -11.82 -6.70
N TRP B 107 23.23 -13.01 -6.17
CA TRP B 107 21.87 -13.27 -5.70
C TRP B 107 21.55 -12.48 -4.44
N MET B 108 22.54 -12.30 -3.56
CA MET B 108 22.37 -11.46 -2.38
C MET B 108 22.18 -10.00 -2.77
N LEU B 109 22.94 -9.53 -3.77
CA LEU B 109 22.81 -8.16 -4.28
C LEU B 109 21.44 -7.91 -4.89
N MET B 110 20.94 -8.86 -5.67
CA MET B 110 19.63 -8.67 -6.29
C MET B 110 18.48 -8.81 -5.31
N THR B 111 18.60 -9.70 -4.32
CA THR B 111 17.54 -9.80 -3.30
C THR B 111 17.50 -8.57 -2.41
N LEU B 112 18.67 -7.99 -2.09
CA LEU B 112 18.66 -6.75 -1.31
C LEU B 112 18.21 -5.57 -2.15
N ARG B 113 18.41 -5.61 -3.47
CA ARG B 113 17.84 -4.59 -4.35
C ARG B 113 16.32 -4.65 -4.35
N GLY B 114 15.76 -5.86 -4.41
CA GLY B 114 14.31 -6.01 -4.31
C GLY B 114 13.75 -5.62 -2.94
N VAL B 115 14.49 -5.94 -1.87
CA VAL B 115 14.07 -5.59 -0.53
C VAL B 115 14.12 -4.07 -0.32
N TYR B 116 15.13 -3.41 -0.91
CA TYR B 116 15.19 -1.95 -0.83
C TYR B 116 14.12 -1.28 -1.68
N HIS B 117 13.74 -1.89 -2.81
CA HIS B 117 12.63 -1.33 -3.57
C HIS B 117 11.29 -1.52 -2.85
N CYS B 118 11.15 -2.60 -2.09
CA CYS B 118 9.97 -2.74 -1.23
C CYS B 118 10.00 -1.73 -0.08
N HIS B 119 11.20 -1.46 0.45
CA HIS B 119 11.34 -0.59 1.61
C HIS B 119 11.13 0.87 1.26
N ARG B 120 11.61 1.30 0.10
CA ARG B 120 11.44 2.70 -0.27
C ARG B 120 10.06 3.01 -0.82
N ASN B 121 9.24 2.00 -1.09
CA ASN B 121 7.82 2.18 -1.31
C ASN B 121 7.03 2.11 0.00
N PHE B 122 7.73 1.90 1.12
CA PHE B 122 7.17 1.77 2.48
C PHE B 122 6.14 0.64 2.56
N ILE B 123 6.54 -0.51 2.03
CA ILE B 123 5.73 -1.72 2.00
C ILE B 123 6.57 -2.82 2.64
N LEU B 124 5.98 -3.56 3.58
CA LEU B 124 6.75 -4.46 4.44
C LEU B 124 7.25 -5.69 3.69
N HIS B 125 6.32 -6.49 3.15
CA HIS B 125 6.56 -7.82 2.55
C HIS B 125 7.20 -8.76 3.58
N ARG B 126 6.38 -9.15 4.55
CA ARG B 126 6.80 -9.99 5.67
C ARG B 126 6.68 -11.47 5.39
N ASP B 127 6.86 -11.91 4.16
CA ASP B 127 6.86 -13.35 3.86
C ASP B 127 8.04 -13.61 2.93
N LEU B 128 9.20 -13.87 3.51
CA LEU B 128 10.45 -14.06 2.76
C LEU B 128 10.99 -15.45 3.05
N LYS B 129 11.09 -16.26 2.01
CA LYS B 129 11.53 -17.64 2.06
C LYS B 129 12.32 -17.92 0.79
N PRO B 130 13.14 -18.98 0.75
CA PRO B 130 13.71 -19.42 -0.53
C PRO B 130 12.66 -19.94 -1.51
N ASN B 131 11.51 -20.39 -1.03
CA ASN B 131 10.39 -20.68 -1.92
C ASN B 131 9.56 -19.45 -2.24
N ASN B 132 9.92 -18.30 -1.67
CA ASN B 132 9.36 -17.01 -2.10
C ASN B 132 10.27 -16.28 -3.07
N LEU B 133 11.58 -16.48 -2.97
CA LEU B 133 12.54 -15.89 -3.90
C LEU B 133 12.70 -16.83 -5.08
N LEU B 134 12.34 -16.37 -6.26
CA LEU B 134 12.35 -17.20 -7.44
C LEU B 134 13.19 -16.57 -8.54
N PHE B 135 13.83 -17.42 -9.34
CA PHE B 135 14.75 -17.00 -10.38
C PHE B 135 13.98 -16.73 -11.68
N SER B 136 14.70 -16.61 -12.78
CA SER B 136 14.14 -16.27 -14.08
C SER B 136 14.97 -16.97 -15.16
N PRO B 137 14.52 -17.00 -16.43
CA PRO B 137 15.39 -17.53 -17.50
C PRO B 137 16.72 -16.80 -17.68
N ASP B 138 16.77 -15.51 -17.41
CA ASP B 138 18.06 -14.81 -17.41
C ASP B 138 18.72 -14.82 -16.03
N GLY B 139 18.12 -15.52 -15.06
CA GLY B 139 18.77 -15.76 -13.78
C GLY B 139 18.63 -14.66 -12.75
N GLN B 140 17.87 -13.61 -13.04
CA GLN B 140 17.64 -12.55 -12.06
C GLN B 140 16.64 -13.06 -11.02
N ILE B 141 17.05 -13.09 -9.76
CA ILE B 141 16.17 -13.57 -8.70
C ILE B 141 15.15 -12.49 -8.37
N LYS B 142 13.92 -12.92 -8.11
CA LYS B 142 12.78 -12.04 -7.94
C LYS B 142 12.25 -12.16 -6.51
N VAL B 143 11.55 -11.11 -6.07
CA VAL B 143 10.90 -11.10 -4.77
C VAL B 143 9.40 -11.05 -5.03
N ALA B 144 8.67 -12.05 -4.54
CA ALA B 144 7.26 -12.18 -4.88
C ALA B 144 6.51 -12.76 -3.69
N ASP B 145 5.25 -13.14 -3.95
CA ASP B 145 4.30 -13.74 -3.01
C ASP B 145 4.08 -12.82 -1.81
N PHE B 146 3.41 -11.69 -2.10
CA PHE B 146 3.13 -10.67 -1.12
C PHE B 146 1.89 -10.96 -0.28
N GLY B 147 1.77 -12.18 0.24
CA GLY B 147 0.51 -12.62 0.84
C GLY B 147 0.22 -12.04 2.21
N LEU B 148 1.25 -11.72 2.97
CA LEU B 148 1.10 -11.11 4.28
C LEU B 148 1.84 -9.79 4.35
N ALA B 149 1.91 -9.09 3.21
CA ALA B 149 2.51 -7.78 3.15
C ALA B 149 1.58 -6.72 3.74
N ARG B 150 2.16 -5.58 4.08
CA ARG B 150 1.40 -4.47 4.64
C ARG B 150 2.17 -3.18 4.37
N ALA B 151 1.45 -2.10 4.15
CA ALA B 151 2.08 -0.79 4.12
C ALA B 151 2.54 -0.42 5.52
N ILE B 152 3.62 0.35 5.59
CA ILE B 152 4.12 0.81 6.87
C ILE B 152 3.16 1.88 7.38
N PRO B 153 2.43 1.60 8.45
CA PRO B 153 1.30 2.47 8.82
C PRO B 153 1.74 3.65 9.66
N ALA B 154 0.75 4.34 10.23
CA ALA B 154 1.00 5.31 11.28
C ALA B 154 1.58 4.59 12.50
N PRO B 155 2.45 5.25 13.28
CA PRO B 155 3.08 4.58 14.44
C PRO B 155 2.13 4.19 15.56
N HIS B 156 0.92 4.75 15.62
CA HIS B 156 -0.04 4.39 16.66
C HIS B 156 -0.91 3.20 16.28
N GLU B 157 -0.69 2.60 15.12
CA GLU B 157 -1.54 1.51 14.64
C GLU B 157 -0.96 0.16 15.03
N ILE B 158 -1.82 -0.70 15.58
CA ILE B 158 -1.42 -2.02 16.05
C ILE B 158 -1.37 -2.98 14.87
N LEU B 159 -0.25 -3.69 14.73
CA LEU B 159 -0.11 -4.67 13.65
C LEU B 159 -0.32 -6.08 14.21
N TPO B 160 -0.08 -7.09 13.37
CA TPO B 160 -0.27 -8.47 13.79
CB TPO B 160 -0.68 -9.33 12.60
CG2 TPO B 160 -2.02 -10.03 12.91
OG1 TPO B 160 -0.64 -8.56 11.38
P TPO B 160 -2.08 -8.09 10.82
O1P TPO B 160 -1.67 -9.04 9.59
O2P TPO B 160 -1.49 -6.67 11.27
O3P TPO B 160 -2.49 -7.24 9.69
C TPO B 160 1.02 -9.03 14.42
O TPO B 160 1.96 -8.29 14.66
N SER B 161 1.02 -10.33 14.69
CA SER B 161 2.18 -10.96 15.33
C SER B 161 2.85 -11.99 14.42
N ASN B 162 2.25 -13.17 14.32
CA ASN B 162 2.80 -14.26 13.53
C ASN B 162 2.56 -13.96 12.05
N VAL B 163 3.51 -13.27 11.44
CA VAL B 163 3.36 -12.81 10.06
C VAL B 163 4.38 -13.43 9.11
N VAL B 164 5.46 -14.00 9.62
CA VAL B 164 6.50 -14.60 8.79
C VAL B 164 6.71 -16.02 9.32
N THR B 165 7.26 -16.89 8.46
CA THR B 165 7.40 -18.30 8.79
C THR B 165 8.47 -18.52 9.86
N ARG B 166 8.51 -19.76 10.35
CA ARG B 166 9.22 -20.12 11.57
C ARG B 166 10.73 -20.04 11.42
N TRP B 167 11.27 -20.58 10.33
CA TRP B 167 12.71 -20.66 10.16
C TRP B 167 13.34 -19.34 9.73
N TYR B 168 12.52 -18.35 9.41
CA TYR B 168 12.96 -17.07 8.86
C TYR B 168 12.29 -15.94 9.62
N ARG B 169 12.20 -16.08 10.93
CA ARG B 169 11.46 -15.17 11.79
C ARG B 169 12.43 -14.25 12.53
N ALA B 170 12.12 -12.95 12.55
CA ALA B 170 12.89 -11.99 13.33
C ALA B 170 12.67 -12.24 14.81
N PRO B 171 13.71 -12.03 15.64
CA PRO B 171 13.58 -12.36 17.08
C PRO B 171 12.64 -11.45 17.85
N GLU B 172 12.36 -10.24 17.35
CA GLU B 172 11.31 -9.43 17.94
C GLU B 172 9.94 -10.04 17.70
N LEU B 173 9.78 -10.76 16.58
CA LEU B 173 8.54 -11.49 16.34
C LEU B 173 8.48 -12.78 17.16
N LEU B 174 9.63 -13.36 17.52
CA LEU B 174 9.63 -14.41 18.53
C LEU B 174 9.18 -13.88 19.88
N PHE B 175 9.67 -12.69 20.25
CA PHE B 175 9.37 -12.14 21.56
C PHE B 175 7.95 -11.60 21.65
N GLY B 176 7.33 -11.29 20.53
CA GLY B 176 5.98 -10.80 20.50
C GLY B 176 5.81 -9.30 20.27
N ALA B 177 6.58 -8.71 19.37
CA ALA B 177 6.44 -7.29 19.07
C ALA B 177 5.18 -7.06 18.25
N LYS B 178 4.23 -6.33 18.82
CA LYS B 178 2.93 -6.15 18.18
C LYS B 178 2.99 -5.15 17.05
N HIS B 179 3.71 -4.05 17.23
CA HIS B 179 3.79 -2.96 16.26
C HIS B 179 5.26 -2.68 15.95
N TYR B 180 5.78 -3.41 14.95
CA TYR B 180 7.19 -3.45 14.63
C TYR B 180 7.53 -2.47 13.51
N THR B 181 8.81 -2.43 13.15
CA THR B 181 9.30 -1.67 12.02
C THR B 181 9.55 -2.62 10.84
N SER B 182 10.19 -2.10 9.80
CA SER B 182 10.45 -2.88 8.60
C SER B 182 11.83 -3.50 8.59
N ALA B 183 12.48 -3.58 9.74
CA ALA B 183 13.78 -4.22 9.87
C ALA B 183 13.67 -5.72 10.08
N ILE B 184 12.45 -6.26 10.14
CA ILE B 184 12.25 -7.70 10.31
C ILE B 184 12.51 -8.50 9.05
N ASP B 185 12.63 -7.82 7.91
CA ASP B 185 12.83 -8.48 6.63
C ASP B 185 14.27 -8.38 6.15
N ILE B 186 15.15 -7.79 6.95
CA ILE B 186 16.58 -7.88 6.72
C ILE B 186 17.17 -9.08 7.45
N TRP B 187 16.56 -9.45 8.58
CA TRP B 187 16.93 -10.68 9.30
C TRP B 187 16.67 -11.90 8.45
N SER B 188 15.54 -11.89 7.73
CA SER B 188 15.18 -13.02 6.87
C SER B 188 16.17 -13.18 5.73
N VAL B 189 16.58 -12.09 5.09
CA VAL B 189 17.51 -12.22 3.97
C VAL B 189 18.95 -12.44 4.45
N GLY B 190 19.26 -12.08 5.70
CA GLY B 190 20.51 -12.55 6.29
C GLY B 190 20.49 -14.05 6.54
N VAL B 191 19.34 -14.60 6.91
CA VAL B 191 19.26 -16.06 7.03
C VAL B 191 19.25 -16.71 5.64
N ILE B 192 18.79 -16.00 4.61
CA ILE B 192 18.96 -16.44 3.21
C ILE B 192 20.45 -16.49 2.83
N PHE B 193 21.23 -15.50 3.27
CA PHE B 193 22.68 -15.48 3.10
C PHE B 193 23.34 -16.70 3.74
N ALA B 194 23.00 -16.98 5.00
CA ALA B 194 23.61 -18.10 5.69
C ALA B 194 23.12 -19.45 5.16
N GLU B 195 21.86 -19.52 4.75
CA GLU B 195 21.31 -20.73 4.14
C GLU B 195 21.91 -20.99 2.77
N LEU B 196 22.28 -19.93 2.06
CA LEU B 196 22.92 -20.06 0.76
C LEU B 196 24.38 -20.48 0.89
N MET B 197 25.11 -19.92 1.86
CA MET B 197 26.51 -20.31 2.00
C MET B 197 26.73 -21.48 2.94
N LEU B 198 25.66 -22.06 3.50
CA LEU B 198 25.81 -23.29 4.28
C LEU B 198 25.13 -24.50 3.66
N ARG B 199 24.24 -24.32 2.69
CA ARG B 199 23.51 -25.37 1.96
C ARG B 199 22.69 -26.27 2.89
N ILE B 200 22.20 -25.69 3.99
CA ILE B 200 21.38 -26.42 4.97
C ILE B 200 20.27 -25.49 5.42
N PRO B 201 19.12 -26.03 5.79
CA PRO B 201 18.10 -25.22 6.49
C PRO B 201 18.63 -24.65 7.78
N TYR B 202 18.80 -23.33 7.79
CA TYR B 202 19.39 -22.61 8.90
C TYR B 202 18.32 -22.34 9.95
N LEU B 203 18.67 -22.58 11.22
CA LEU B 203 17.85 -22.40 12.42
C LEU B 203 16.49 -23.11 12.36
N PRO B 204 16.43 -24.44 12.47
CA PRO B 204 15.13 -25.12 12.43
C PRO B 204 14.48 -25.21 13.80
N GLY B 205 13.15 -25.25 13.80
CA GLY B 205 12.40 -25.40 15.03
C GLY B 205 11.45 -26.58 15.00
N GLN B 206 11.05 -27.07 16.17
CA GLN B 206 10.19 -28.26 16.23
C GLN B 206 8.71 -27.92 16.33
N ASN B 207 8.23 -27.05 15.43
CA ASN B 207 6.81 -26.68 15.27
C ASN B 207 6.18 -26.15 16.56
N ASP B 208 6.95 -25.33 17.27
CA ASP B 208 6.62 -24.92 18.64
C ASP B 208 7.32 -23.60 18.93
N VAL B 209 7.57 -23.33 20.21
CA VAL B 209 8.25 -22.12 20.67
C VAL B 209 9.77 -22.38 20.67
N ASP B 210 10.18 -23.53 20.12
CA ASP B 210 11.57 -23.97 20.17
C ASP B 210 12.48 -23.15 19.25
N GLN B 211 11.89 -22.32 18.38
CA GLN B 211 12.67 -21.41 17.55
C GLN B 211 13.42 -20.38 18.40
N MET B 212 12.82 -19.96 19.52
CA MET B 212 13.48 -19.04 20.45
C MET B 212 14.71 -19.67 21.10
N GLU B 213 14.59 -20.93 21.56
CA GLU B 213 15.75 -21.62 22.13
C GLU B 213 16.82 -21.92 21.09
N VAL B 214 16.45 -22.27 19.85
CA VAL B 214 17.53 -22.55 18.91
C VAL B 214 18.18 -21.24 18.41
N THR B 215 17.44 -20.13 18.39
CA THR B 215 18.02 -18.83 18.05
C THR B 215 18.94 -18.33 19.17
N PHE B 216 18.55 -18.57 20.43
CA PHE B 216 19.43 -18.28 21.56
C PHE B 216 20.67 -19.17 21.55
N ARG B 217 20.53 -20.43 21.14
CA ARG B 217 21.65 -21.34 21.08
C ARG B 217 22.60 -21.00 19.94
N ALA B 218 22.07 -20.43 18.85
CA ALA B 218 22.89 -20.12 17.69
C ALA B 218 23.57 -18.76 17.80
N LEU B 219 22.80 -17.70 18.03
CA LEU B 219 23.34 -16.34 17.98
C LEU B 219 23.31 -15.60 19.31
N GLY B 220 22.63 -16.12 20.32
CA GLY B 220 22.80 -15.56 21.65
C GLY B 220 21.57 -14.93 22.28
N THR B 221 21.34 -15.24 23.55
CA THR B 221 20.38 -14.53 24.37
C THR B 221 20.90 -13.11 24.61
N PRO B 222 20.12 -12.13 24.11
CA PRO B 222 20.33 -10.69 24.18
C PRO B 222 20.47 -10.30 25.64
N THR B 223 21.42 -9.43 25.95
CA THR B 223 21.64 -8.98 27.32
C THR B 223 21.03 -7.59 27.52
N ASP B 224 20.88 -7.21 28.79
CA ASP B 224 20.31 -5.91 29.15
C ASP B 224 21.14 -4.72 28.67
N ARG B 225 22.47 -4.85 28.76
CA ARG B 225 23.37 -3.78 28.37
C ARG B 225 23.28 -3.41 26.89
N ASP B 226 23.15 -4.41 26.04
CA ASP B 226 23.06 -4.17 24.60
C ASP B 226 22.08 -3.90 23.46
N TRP B 227 21.01 -4.69 23.42
CA TRP B 227 19.64 -4.48 22.94
C TRP B 227 18.73 -4.17 24.13
N PRO B 228 18.45 -2.87 24.44
CA PRO B 228 17.65 -2.56 25.62
C PRO B 228 16.16 -2.85 25.39
N GLU B 229 15.42 -2.85 26.51
CA GLU B 229 13.97 -3.05 26.58
C GLU B 229 13.54 -4.40 26.00
N VAL B 230 14.40 -5.42 26.09
CA VAL B 230 14.02 -6.76 25.65
C VAL B 230 13.21 -7.48 26.72
N SER B 231 13.20 -6.95 27.95
CA SER B 231 12.46 -7.55 29.05
C SER B 231 11.01 -7.07 29.12
N SER B 232 10.56 -6.33 28.13
CA SER B 232 9.19 -5.81 28.09
C SER B 232 8.31 -6.62 27.15
N PHE B 233 8.51 -7.94 27.10
CA PHE B 233 7.73 -8.81 26.24
C PHE B 233 7.00 -9.92 26.98
N MET B 234 7.27 -10.10 28.29
CA MET B 234 6.74 -11.17 29.16
C MET B 234 7.17 -12.54 28.61
N THR B 235 8.36 -12.56 28.01
CA THR B 235 8.97 -13.79 27.51
C THR B 235 10.45 -13.90 27.88
N TYR B 236 11.14 -12.79 28.14
CA TYR B 236 12.56 -12.79 28.48
C TYR B 236 12.84 -13.38 29.86
N ASN B 237 11.87 -13.34 30.77
CA ASN B 237 12.04 -13.93 32.10
C ASN B 237 11.84 -15.43 32.11
N LYS B 238 11.37 -16.01 31.00
CA LYS B 238 11.14 -17.46 30.96
C LYS B 238 12.45 -18.23 30.88
N LEU B 239 13.47 -17.65 30.26
CA LEU B 239 14.72 -18.34 29.99
C LEU B 239 15.90 -17.62 30.63
N GLN B 240 17.06 -18.24 30.50
CA GLN B 240 18.33 -17.74 31.03
C GLN B 240 19.25 -17.33 29.87
N ILE B 241 20.42 -16.80 30.22
CA ILE B 241 21.32 -16.24 29.23
C ILE B 241 22.18 -17.33 28.61
N TYR B 242 22.58 -17.12 27.36
CA TYR B 242 23.48 -17.93 26.55
C TYR B 242 24.63 -17.06 26.03
N PRO B 243 25.82 -17.63 25.85
CA PRO B 243 26.95 -16.82 25.34
C PRO B 243 26.79 -16.49 23.87
N PRO B 244 26.98 -15.22 23.49
CA PRO B 244 27.03 -14.88 22.07
C PRO B 244 28.30 -15.41 21.44
N PRO B 245 28.29 -15.71 20.14
CA PRO B 245 29.50 -16.26 19.52
C PRO B 245 30.55 -15.20 19.26
N SER B 246 31.81 -15.58 19.50
CA SER B 246 32.94 -14.70 19.27
C SER B 246 33.42 -14.88 17.83
N ARG B 247 34.60 -14.34 17.51
CA ARG B 247 35.16 -14.43 16.17
C ARG B 247 35.99 -15.70 15.95
N ASP B 248 35.82 -16.70 16.80
CA ASP B 248 36.29 -18.05 16.52
C ASP B 248 35.34 -18.81 15.59
N GLU B 249 34.19 -18.21 15.27
CA GLU B 249 33.25 -18.65 14.25
C GLU B 249 33.73 -18.38 12.83
N LEU B 250 34.84 -17.66 12.67
CA LEU B 250 35.37 -17.37 11.34
C LEU B 250 35.84 -18.62 10.61
N ARG B 251 36.49 -19.54 11.33
CA ARG B 251 36.94 -20.79 10.72
C ARG B 251 35.91 -21.90 10.94
N LYS B 252 35.65 -22.24 12.20
CA LYS B 252 34.70 -23.29 12.54
C LYS B 252 33.29 -22.83 12.24
N ARG B 253 32.53 -23.74 11.58
CA ARG B 253 31.11 -23.76 11.17
C ARG B 253 30.81 -22.74 10.07
N PHE B 254 31.80 -21.95 9.65
CA PHE B 254 31.63 -20.94 8.63
C PHE B 254 32.92 -20.79 7.83
N ILE B 255 33.63 -21.90 7.60
CA ILE B 255 34.94 -21.86 6.95
C ILE B 255 34.87 -21.51 5.46
N ALA B 256 33.71 -21.62 4.84
CA ALA B 256 33.55 -21.28 3.42
C ALA B 256 32.97 -19.88 3.36
N ALA B 257 33.80 -18.88 3.67
CA ALA B 257 33.36 -17.49 3.73
C ALA B 257 34.57 -16.59 3.60
N SER B 258 34.30 -15.32 3.29
CA SER B 258 35.33 -14.31 3.11
C SER B 258 35.43 -13.43 4.36
N GLU B 259 36.33 -12.46 4.31
CA GLU B 259 36.55 -11.56 5.45
C GLU B 259 35.41 -10.55 5.60
N TYR B 260 34.94 -9.99 4.48
CA TYR B 260 33.90 -8.99 4.50
C TYR B 260 32.49 -9.58 4.49
N ALA B 261 32.35 -10.89 4.32
CA ALA B 261 31.02 -11.50 4.37
C ALA B 261 30.51 -11.58 5.80
N LEU B 262 31.40 -11.89 6.75
CA LEU B 262 30.98 -11.98 8.15
C LEU B 262 30.64 -10.63 8.75
N ASP B 263 31.21 -9.54 8.21
CA ASP B 263 30.92 -8.21 8.74
C ASP B 263 29.47 -7.81 8.48
N PHE B 264 29.00 -7.92 7.24
CA PHE B 264 27.61 -7.57 6.99
C PHE B 264 26.66 -8.72 7.29
N MET B 265 27.16 -9.95 7.45
CA MET B 265 26.33 -11.01 8.01
C MET B 265 26.04 -10.76 9.48
N CYS B 266 27.07 -10.37 10.26
CA CYS B 266 26.86 -10.06 11.66
C CYS B 266 26.11 -8.75 11.84
N GLY B 267 26.25 -7.82 10.89
CA GLY B 267 25.42 -6.63 10.89
C GLY B 267 24.00 -6.87 10.42
N MET B 268 23.77 -7.97 9.69
CA MET B 268 22.44 -8.35 9.25
C MET B 268 21.74 -9.26 10.23
N LEU B 269 22.50 -10.08 10.96
CA LEU B 269 21.98 -10.88 12.05
C LEU B 269 22.17 -10.23 13.40
N THR B 270 22.16 -8.90 13.46
CA THR B 270 21.97 -8.21 14.72
C THR B 270 20.59 -8.53 15.25
N MET B 271 20.53 -8.87 16.53
CA MET B 271 19.24 -9.07 17.15
C MET B 271 18.65 -7.75 17.62
N ASN B 272 19.47 -6.71 17.70
CA ASN B 272 19.01 -5.33 17.83
C ASN B 272 18.28 -4.92 16.56
N PRO B 273 17.02 -4.49 16.63
CA PRO B 273 16.33 -4.03 15.41
C PRO B 273 16.57 -2.56 15.10
N GLN B 274 16.85 -1.75 16.12
CA GLN B 274 17.18 -0.35 15.88
C GLN B 274 18.55 -0.20 15.24
N LYS B 275 19.52 -1.00 15.70
CA LYS B 275 20.86 -0.98 15.13
C LYS B 275 21.02 -1.98 13.99
N ARG B 276 19.94 -2.58 13.53
CA ARG B 276 20.01 -3.45 12.36
C ARG B 276 20.26 -2.63 11.09
N TRP B 277 21.13 -3.16 10.24
CA TRP B 277 21.54 -2.45 9.04
C TRP B 277 20.42 -2.47 8.02
N THR B 278 19.89 -1.29 7.70
CA THR B 278 18.90 -1.16 6.65
C THR B 278 19.57 -1.34 5.28
N ALA B 279 18.73 -1.52 4.26
CA ALA B 279 19.23 -1.89 2.94
C ALA B 279 19.99 -0.76 2.26
N VAL B 280 19.73 0.50 2.66
CA VAL B 280 20.50 1.62 2.13
C VAL B 280 21.93 1.61 2.65
N GLN B 281 22.19 0.95 3.78
CA GLN B 281 23.55 0.71 4.24
C GLN B 281 23.93 -0.76 4.18
N CYS B 282 23.17 -1.58 3.48
CA CYS B 282 23.60 -2.92 3.08
C CYS B 282 24.01 -3.02 1.62
N LEU B 283 23.47 -2.15 0.76
CA LEU B 283 23.93 -2.13 -0.63
C LEU B 283 25.29 -1.47 -0.81
N GLU B 284 25.80 -0.78 0.20
CA GLU B 284 27.12 -0.14 0.13
C GLU B 284 27.94 -0.49 1.36
N SER B 285 27.88 -1.75 1.78
CA SER B 285 28.57 -2.22 2.98
C SER B 285 29.93 -2.82 2.68
N ASP B 286 30.60 -2.34 1.62
CA ASP B 286 31.96 -2.68 1.14
C ASP B 286 32.25 -4.18 1.01
N TYR B 287 31.21 -5.00 0.84
CA TYR B 287 31.36 -6.43 0.60
C TYR B 287 31.30 -6.76 -0.88
N PHE B 288 30.48 -6.03 -1.63
CA PHE B 288 30.48 -6.14 -3.09
C PHE B 288 31.68 -5.46 -3.71
N LYS B 289 32.33 -4.54 -2.99
CA LYS B 289 33.52 -3.88 -3.51
C LYS B 289 34.73 -4.80 -3.50
N GLU B 290 34.74 -5.84 -2.67
CA GLU B 290 35.83 -6.80 -2.65
C GLU B 290 35.79 -7.69 -3.89
N LEU B 291 36.98 -8.06 -4.37
CA LEU B 291 37.09 -8.98 -5.49
C LEU B 291 36.63 -10.37 -5.07
N PRO B 292 36.04 -11.15 -6.00
CA PRO B 292 35.75 -10.95 -7.43
C PRO B 292 34.42 -10.24 -7.71
N PRO B 293 34.28 -9.63 -8.88
CA PRO B 293 32.98 -9.09 -9.28
C PRO B 293 32.01 -10.21 -9.64
N PRO B 294 30.74 -10.05 -9.33
CA PRO B 294 29.76 -11.10 -9.65
C PRO B 294 29.29 -11.00 -11.10
N SER B 295 28.60 -12.05 -11.53
CA SER B 295 28.06 -12.11 -12.89
C SER B 295 26.85 -13.02 -12.91
N ASP B 296 25.76 -12.55 -13.53
CA ASP B 296 24.53 -13.34 -13.63
C ASP B 296 24.50 -14.65 -14.45
N PRO B 297 25.48 -15.04 -15.37
CA PRO B 297 25.42 -16.43 -15.85
C PRO B 297 25.86 -17.41 -14.79
N SER B 298 24.92 -18.13 -14.18
CA SER B 298 25.22 -19.15 -13.20
C SER B 298 24.65 -20.48 -13.65
N SER B 299 25.36 -21.57 -13.34
CA SER B 299 24.99 -22.91 -13.80
C SER B 299 23.86 -23.43 -12.91
N ILE B 300 22.65 -22.99 -13.22
CA ILE B 300 21.44 -23.42 -12.52
C ILE B 300 20.50 -24.02 -13.54
N LYS B 301 20.04 -25.25 -13.27
CA LYS B 301 19.13 -25.94 -14.18
C LYS B 301 17.72 -25.37 -14.06
N TYR C 3 6.72 8.46 -7.90
CA TYR C 3 5.28 8.59 -7.94
C TYR C 3 4.72 8.08 -9.25
N ARG C 4 5.52 8.13 -10.33
CA ARG C 4 5.06 7.68 -11.63
C ARG C 4 4.91 6.15 -11.69
N HIS C 5 5.58 5.42 -10.80
CA HIS C 5 5.40 3.99 -10.69
C HIS C 5 4.17 3.62 -9.88
N SER C 6 3.56 4.57 -9.17
CA SER C 6 2.40 4.26 -8.34
C SER C 6 1.15 4.09 -9.21
N SER C 7 0.14 3.46 -8.62
CA SER C 7 -1.09 3.15 -9.37
C SER C 7 -1.97 4.38 -9.56
N GLN C 8 -1.83 5.39 -8.69
CA GLN C 8 -2.64 6.59 -8.81
C GLN C 8 -2.17 7.50 -9.94
N TYR C 9 -0.90 7.45 -10.31
CA TYR C 9 -0.41 8.31 -11.37
C TYR C 9 -0.67 7.70 -12.75
N ARG C 10 -0.30 6.43 -12.94
CA ARG C 10 -0.20 5.89 -14.28
C ARG C 10 -1.55 5.61 -14.91
N MET C 11 -2.61 5.44 -14.13
CA MET C 11 -3.90 5.20 -14.76
C MET C 11 -5.10 5.88 -14.10
N TRP C 12 -4.96 6.60 -12.96
CA TRP C 12 -6.13 7.35 -12.53
C TRP C 12 -5.83 8.82 -12.24
N SER C 13 -4.75 9.39 -12.74
CA SER C 13 -4.50 10.83 -12.62
C SER C 13 -4.83 11.46 -13.96
N TYR C 14 -5.64 12.52 -13.92
CA TYR C 14 -6.25 13.05 -15.13
C TYR C 14 -5.95 14.54 -15.24
N THR C 15 -6.40 15.12 -16.35
CA THR C 15 -6.44 16.57 -16.56
C THR C 15 -7.90 17.00 -16.63
N LYS C 16 -8.12 18.29 -16.92
CA LYS C 16 -9.48 18.79 -16.98
C LYS C 16 -10.21 18.32 -18.23
N ASP C 17 -9.51 18.29 -19.38
CA ASP C 17 -10.13 17.83 -20.62
C ASP C 17 -10.33 16.32 -20.60
N GLN C 18 -9.35 15.59 -20.07
CA GLN C 18 -9.45 14.14 -19.97
C GLN C 18 -10.51 13.72 -18.96
N LEU C 19 -10.65 14.46 -17.86
CA LEU C 19 -11.65 14.11 -16.85
C LEU C 19 -13.05 14.45 -17.32
N GLN C 20 -13.22 15.60 -18.00
CA GLN C 20 -14.52 15.92 -18.58
C GLN C 20 -14.89 14.97 -19.71
N GLU C 21 -13.88 14.51 -20.47
CA GLU C 21 -14.11 13.47 -21.47
C GLU C 21 -14.52 12.15 -20.81
N LYS C 22 -13.96 11.85 -19.64
CA LYS C 22 -14.35 10.66 -18.89
C LYS C 22 -15.80 10.74 -18.40
N ARG C 23 -16.21 11.93 -17.92
CA ARG C 23 -17.60 12.14 -17.52
C ARG C 23 -18.55 12.00 -18.70
N VAL C 24 -18.21 12.59 -19.85
CA VAL C 24 -19.13 12.49 -20.98
C VAL C 24 -19.09 11.12 -21.66
N ASP C 25 -18.03 10.33 -21.48
CA ASP C 25 -18.10 8.97 -22.03
C ASP C 25 -18.80 8.01 -21.09
N THR C 26 -18.73 8.21 -19.76
CA THR C 26 -19.54 7.37 -18.90
C THR C 26 -21.00 7.80 -18.88
N ASN C 27 -21.30 9.03 -19.30
CA ASN C 27 -22.67 9.41 -19.55
C ASN C 27 -23.12 9.12 -20.98
N ALA C 28 -22.17 8.81 -21.88
CA ALA C 28 -22.51 8.48 -23.25
C ALA C 28 -22.63 6.97 -23.46
N ARG C 29 -21.87 6.17 -22.70
CA ARG C 29 -22.00 4.72 -22.78
C ARG C 29 -23.14 4.20 -21.92
N ALA C 30 -23.74 5.04 -21.09
CA ALA C 30 -24.82 4.64 -20.19
C ALA C 30 -26.07 5.43 -20.47
N ILE C 31 -26.47 5.52 -21.74
CA ILE C 31 -27.71 6.17 -22.12
C ILE C 31 -28.66 5.22 -22.87
N ALA C 32 -28.11 4.34 -23.73
CA ALA C 32 -28.93 3.52 -24.62
C ALA C 32 -29.62 2.39 -23.88
N TYR C 33 -28.91 1.73 -22.98
CA TYR C 33 -29.48 0.63 -22.18
C TYR C 33 -30.58 1.13 -21.25
N ILE C 34 -30.40 2.33 -20.68
CA ILE C 34 -31.38 2.86 -19.75
C ILE C 34 -32.59 3.44 -20.49
N GLU C 35 -32.38 4.01 -21.69
CA GLU C 35 -33.54 4.43 -22.46
C GLU C 35 -34.28 3.24 -23.07
N GLU C 36 -33.60 2.11 -23.27
CA GLU C 36 -34.26 0.89 -23.72
C GLU C 36 -35.04 0.23 -22.59
N ASN C 37 -34.53 0.29 -21.36
CA ASN C 37 -35.16 -0.40 -20.24
C ASN C 37 -36.28 0.41 -19.58
N LEU C 38 -36.52 1.65 -20.00
CA LEU C 38 -37.62 2.44 -19.46
C LEU C 38 -38.65 2.82 -20.52
N LEU C 39 -38.66 2.15 -21.66
CA LEU C 39 -39.78 2.27 -22.59
C LEU C 39 -40.76 1.11 -22.45
N LYS C 40 -40.64 0.30 -21.40
CA LYS C 40 -41.46 -0.88 -21.19
C LYS C 40 -42.86 -0.46 -20.79
N PHE C 41 -43.79 -0.50 -21.74
CA PHE C 41 -45.18 -0.18 -21.50
C PHE C 41 -45.94 -1.45 -21.13
N ARG C 42 -47.26 -1.41 -21.17
CA ARG C 42 -48.08 -2.56 -20.85
C ARG C 42 -48.06 -3.59 -21.99
N GLU C 43 -48.71 -4.73 -21.76
CA GLU C 43 -48.68 -5.83 -22.72
C GLU C 43 -49.52 -5.52 -23.94
N ALA C 44 -50.66 -4.84 -23.76
CA ALA C 44 -51.54 -4.52 -24.87
C ALA C 44 -51.27 -3.15 -25.46
N HIS C 45 -51.44 -2.08 -24.67
CA HIS C 45 -51.21 -0.72 -25.13
C HIS C 45 -50.93 0.16 -23.92
N ASN C 46 -50.40 1.35 -24.20
CA ASN C 46 -50.02 2.32 -23.18
C ASN C 46 -51.06 3.41 -23.12
N LEU C 47 -51.54 3.71 -21.91
CA LEU C 47 -52.56 4.74 -21.71
C LEU C 47 -51.93 6.10 -21.38
N THR C 48 -51.17 6.16 -20.28
CA THR C 48 -50.57 7.42 -19.82
C THR C 48 -49.29 7.70 -20.59
N GLU C 49 -49.48 8.26 -21.78
CA GLU C 49 -48.33 8.60 -22.64
C GLU C 49 -47.60 9.83 -22.12
N GLU C 50 -48.35 10.84 -21.66
CA GLU C 50 -47.75 12.11 -21.24
C GLU C 50 -46.94 11.95 -19.95
N GLU C 51 -47.42 11.10 -19.03
CA GLU C 51 -46.70 10.87 -17.79
C GLU C 51 -45.39 10.11 -18.02
N ILE C 52 -45.42 9.08 -18.88
CA ILE C 52 -44.19 8.34 -19.15
C ILE C 52 -43.20 9.17 -19.98
N LYS C 53 -43.69 10.08 -20.84
CA LYS C 53 -42.74 10.96 -21.53
C LYS C 53 -42.21 12.09 -20.65
N VAL C 54 -42.97 12.57 -19.65
CA VAL C 54 -42.34 13.57 -18.78
C VAL C 54 -41.39 12.93 -17.76
N LEU C 55 -41.62 11.67 -17.36
CA LEU C 55 -40.56 10.97 -16.62
C LEU C 55 -39.36 10.62 -17.51
N GLU C 56 -39.58 10.37 -18.80
CA GLU C 56 -38.46 10.21 -19.73
C GLU C 56 -37.68 11.50 -19.90
N ALA C 57 -38.37 12.64 -19.92
CA ALA C 57 -37.69 13.93 -20.01
C ALA C 57 -37.02 14.30 -18.69
N LYS C 58 -37.52 13.78 -17.57
CA LYS C 58 -36.87 13.99 -16.28
C LYS C 58 -35.63 13.10 -16.12
N ALA C 59 -35.64 11.91 -16.72
CA ALA C 59 -34.57 10.95 -16.51
C ALA C 59 -33.48 10.98 -17.58
N ILE C 60 -33.85 10.90 -18.86
CA ILE C 60 -32.89 10.66 -19.94
C ILE C 60 -32.06 11.90 -20.31
N PRO C 61 -32.59 13.07 -20.67
CA PRO C 61 -31.69 14.18 -21.03
C PRO C 61 -31.34 15.13 -19.88
N LEU C 62 -31.67 14.78 -18.63
CA LEU C 62 -31.45 15.66 -17.50
C LEU C 62 -30.42 15.14 -16.50
N THR C 63 -30.25 13.81 -16.40
CA THR C 63 -29.32 13.22 -15.44
C THR C 63 -27.89 13.14 -15.98
N MET C 64 -27.60 13.75 -17.12
CA MET C 64 -26.22 13.86 -17.57
C MET C 64 -25.43 14.91 -16.80
N GLU C 65 -26.12 15.83 -16.13
CA GLU C 65 -25.49 16.76 -15.20
C GLU C 65 -25.99 16.61 -13.77
N GLU C 66 -27.12 15.93 -13.55
CA GLU C 66 -27.61 15.63 -12.22
C GLU C 66 -26.83 14.49 -11.57
N GLU C 67 -26.10 13.70 -12.38
CA GLU C 67 -25.31 12.61 -11.85
C GLU C 67 -24.14 13.11 -11.01
N LEU C 68 -23.54 14.25 -11.37
CA LEU C 68 -22.34 14.72 -10.67
C LEU C 68 -22.68 15.27 -9.29
N ASP C 69 -23.73 16.08 -9.17
CA ASP C 69 -24.07 16.51 -7.82
C ASP C 69 -24.85 15.44 -7.06
N LEU C 70 -25.42 14.45 -7.77
CA LEU C 70 -25.97 13.27 -7.08
C LEU C 70 -24.87 12.44 -6.44
N VAL C 71 -23.75 12.23 -7.15
CA VAL C 71 -22.69 11.41 -6.56
C VAL C 71 -21.92 12.24 -5.53
N ASN C 72 -21.91 13.57 -5.65
CA ASN C 72 -21.36 14.40 -4.56
C ASN C 72 -22.24 14.35 -3.31
N PHE C 73 -23.57 14.30 -3.49
CA PHE C 73 -24.47 14.18 -2.35
C PHE C 73 -24.34 12.83 -1.67
N TYR C 74 -24.24 11.75 -2.44
CA TYR C 74 -24.05 10.44 -1.83
C TYR C 74 -22.63 10.25 -1.32
N ALA C 75 -21.66 11.01 -1.84
CA ALA C 75 -20.33 11.02 -1.25
C ALA C 75 -20.34 11.71 0.10
N LYS C 76 -21.14 12.78 0.24
CA LYS C 76 -21.35 13.40 1.55
C LYS C 76 -22.05 12.45 2.51
N LYS C 77 -23.00 11.65 1.98
CA LYS C 77 -23.68 10.65 2.78
C LYS C 77 -22.74 9.56 3.27
N VAL C 78 -21.85 9.06 2.41
CA VAL C 78 -20.94 8.00 2.83
C VAL C 78 -19.85 8.57 3.73
N GLN C 79 -19.51 9.86 3.57
CA GLN C 79 -18.58 10.51 4.48
C GLN C 79 -19.18 10.65 5.89
N VAL C 80 -20.44 11.07 5.99
CA VAL C 80 -21.00 11.25 7.32
C VAL C 80 -21.36 9.91 7.98
N ILE C 81 -21.69 8.87 7.20
CA ILE C 81 -21.93 7.60 7.86
C ILE C 81 -20.63 6.84 8.15
N ALA C 82 -19.54 7.15 7.44
CA ALA C 82 -18.26 6.59 7.81
C ALA C 82 -17.67 7.29 9.02
N GLN C 83 -17.90 8.60 9.15
CA GLN C 83 -17.50 9.31 10.36
C GLN C 83 -18.43 9.02 11.54
N HIS C 84 -19.64 8.54 11.25
CA HIS C 84 -20.60 8.22 12.31
C HIS C 84 -20.18 6.97 13.09
N LEU C 85 -19.60 5.98 12.41
CA LEU C 85 -19.31 4.69 13.01
C LEU C 85 -17.86 4.57 13.47
N ASN C 86 -17.25 5.70 13.86
CA ASN C 86 -15.98 5.81 14.60
C ASN C 86 -14.81 5.20 13.82
N LEU C 87 -14.54 5.79 12.67
CA LEU C 87 -13.46 5.38 11.81
C LEU C 87 -12.34 6.42 11.80
N PRO C 88 -11.10 6.02 11.54
CA PRO C 88 -10.03 7.01 11.34
C PRO C 88 -10.22 7.79 10.04
N THR C 89 -9.49 8.90 9.95
CA THR C 89 -9.58 9.77 8.79
C THR C 89 -8.92 9.18 7.55
N GLU C 90 -8.05 8.19 7.72
CA GLU C 90 -7.43 7.54 6.57
C GLU C 90 -8.43 6.67 5.81
N VAL C 91 -9.23 5.90 6.54
CA VAL C 91 -10.13 4.94 5.89
C VAL C 91 -11.38 5.66 5.36
N VAL C 92 -11.73 6.81 5.94
CA VAL C 92 -12.81 7.63 5.41
C VAL C 92 -12.42 8.20 4.05
N ALA C 93 -11.17 8.64 3.92
CA ALA C 93 -10.65 9.16 2.66
C ALA C 93 -10.59 8.08 1.59
N THR C 94 -10.18 6.86 1.95
CA THR C 94 -10.16 5.78 0.99
C THR C 94 -11.58 5.35 0.61
N ALA C 95 -12.54 5.43 1.54
CA ALA C 95 -13.92 5.10 1.20
C ALA C 95 -14.53 6.12 0.23
N ILE C 96 -14.23 7.40 0.46
CA ILE C 96 -14.69 8.46 -0.45
C ILE C 96 -14.06 8.30 -1.83
N SER C 97 -12.76 7.98 -1.86
CA SER C 97 -12.09 7.79 -3.13
C SER C 97 -12.56 6.53 -3.85
N PHE C 98 -12.85 5.45 -3.13
CA PHE C 98 -13.36 4.23 -3.76
C PHE C 98 -14.76 4.45 -4.33
N PHE C 99 -15.61 5.20 -3.61
CA PHE C 99 -16.95 5.49 -4.10
C PHE C 99 -16.91 6.38 -5.35
N ARG C 100 -16.09 7.43 -5.31
CA ARG C 100 -15.98 8.34 -6.45
C ARG C 100 -15.31 7.68 -7.65
N ARG C 101 -14.29 6.84 -7.41
CA ARG C 101 -13.67 6.10 -8.50
C ARG C 101 -14.56 4.99 -9.04
N PHE C 102 -15.47 4.45 -8.23
CA PHE C 102 -16.49 3.56 -8.77
C PHE C 102 -17.43 4.30 -9.70
N PHE C 103 -17.84 5.52 -9.33
CA PHE C 103 -18.84 6.17 -10.16
C PHE C 103 -18.25 7.03 -11.27
N LEU C 104 -16.93 6.99 -11.47
CA LEU C 104 -16.37 7.55 -12.69
C LEU C 104 -16.53 6.62 -13.88
N GLU C 105 -16.54 5.30 -13.64
CA GLU C 105 -16.65 4.33 -14.72
C GLU C 105 -18.06 3.81 -14.92
N ASN C 106 -18.95 3.99 -13.95
CA ASN C 106 -20.34 3.59 -14.06
C ASN C 106 -21.23 4.74 -13.63
N SER C 107 -22.44 4.79 -14.19
CA SER C 107 -23.38 5.85 -13.85
C SER C 107 -24.28 5.40 -12.71
N VAL C 108 -25.09 6.34 -12.22
CA VAL C 108 -25.90 6.08 -11.03
C VAL C 108 -27.21 5.38 -11.31
N MET C 109 -27.52 5.10 -12.58
CA MET C 109 -28.80 4.49 -12.88
C MET C 109 -28.69 2.98 -13.09
N GLN C 110 -27.67 2.50 -13.81
CA GLN C 110 -27.54 1.06 -13.98
C GLN C 110 -26.88 0.39 -12.79
N ILE C 111 -26.23 1.15 -11.91
CA ILE C 111 -25.93 0.70 -10.55
C ILE C 111 -26.44 1.79 -9.60
N ASP C 112 -27.34 1.42 -8.70
CA ASP C 112 -27.95 2.38 -7.79
C ASP C 112 -26.95 2.81 -6.72
N PRO C 113 -26.86 4.11 -6.40
CA PRO C 113 -25.84 4.58 -5.46
C PRO C 113 -26.18 4.36 -3.99
N LYS C 114 -27.40 3.93 -3.70
CA LYS C 114 -27.82 3.73 -2.32
C LYS C 114 -27.31 2.41 -1.73
N SER C 115 -26.77 1.52 -2.57
CA SER C 115 -26.23 0.26 -2.12
C SER C 115 -24.71 0.20 -2.17
N ILE C 116 -24.06 1.06 -2.97
CA ILE C 116 -22.61 1.13 -3.03
C ILE C 116 -22.04 1.71 -1.76
N VAL C 117 -22.79 2.61 -1.10
CA VAL C 117 -22.31 3.37 0.05
C VAL C 117 -22.03 2.53 1.29
N HIS C 118 -22.52 1.29 1.35
CA HIS C 118 -22.16 0.40 2.44
C HIS C 118 -21.05 -0.57 2.06
N THR C 119 -20.86 -0.83 0.77
CA THR C 119 -19.80 -1.71 0.32
C THR C 119 -18.43 -1.03 0.34
N THR C 120 -18.38 0.27 0.06
CA THR C 120 -17.10 0.97 -0.04
C THR C 120 -16.44 1.12 1.32
N ILE C 121 -17.21 1.27 2.39
CA ILE C 121 -16.64 1.28 3.73
C ILE C 121 -16.06 -0.09 4.07
N PHE C 122 -16.72 -1.15 3.61
CA PHE C 122 -16.23 -2.51 3.85
C PHE C 122 -14.93 -2.79 3.11
N LEU C 123 -14.86 -2.41 1.83
CA LEU C 123 -13.60 -2.62 1.10
C LEU C 123 -12.52 -1.64 1.53
N ALA C 124 -12.88 -0.48 2.07
CA ALA C 124 -11.87 0.42 2.60
C ALA C 124 -11.31 -0.08 3.92
N CYS C 125 -12.15 -0.64 4.80
CA CYS C 125 -11.63 -1.12 6.07
C CYS C 125 -10.91 -2.44 5.93
N LYS C 126 -11.31 -3.27 4.96
CA LYS C 126 -10.56 -4.47 4.64
C LYS C 126 -9.35 -4.16 3.75
N SER C 127 -9.30 -2.94 3.20
CA SER C 127 -8.17 -2.55 2.36
C SER C 127 -6.91 -2.31 3.18
N GLU C 128 -6.97 -1.38 4.14
CA GLU C 128 -5.80 -1.00 4.91
C GLU C 128 -5.92 -1.38 6.38
N ASN C 129 -6.38 -2.58 6.46
CA ASN C 129 -6.45 -3.28 7.65
C ASN C 129 -7.18 -2.67 8.75
N TYR C 130 -8.40 -2.22 8.51
CA TYR C 130 -9.12 -1.74 9.66
C TYR C 130 -9.45 -2.90 10.62
N PHE C 131 -9.85 -4.01 10.04
CA PHE C 131 -10.32 -5.22 10.65
C PHE C 131 -11.61 -5.46 11.33
N ILE C 132 -12.59 -4.87 10.75
CA ILE C 132 -13.94 -5.13 11.14
C ILE C 132 -14.34 -6.45 10.49
N SER C 133 -15.23 -7.21 11.11
CA SER C 133 -15.75 -8.47 10.56
C SER C 133 -16.95 -8.20 9.68
N VAL C 134 -17.61 -9.21 9.13
CA VAL C 134 -18.73 -8.84 8.27
C VAL C 134 -19.99 -8.63 9.11
N ASP C 135 -20.21 -9.50 10.09
CA ASP C 135 -21.42 -9.40 10.92
C ASP C 135 -21.32 -8.25 11.91
N SER C 136 -20.11 -7.95 12.40
CA SER C 136 -19.93 -6.78 13.25
C SER C 136 -20.10 -5.48 12.46
N PHE C 137 -19.75 -5.50 11.18
CA PHE C 137 -20.03 -4.35 10.32
C PHE C 137 -21.51 -4.25 10.00
N ALA C 138 -22.20 -5.38 9.91
CA ALA C 138 -23.62 -5.38 9.57
C ALA C 138 -24.47 -4.92 10.75
N GLN C 139 -24.10 -5.31 11.98
CA GLN C 139 -24.87 -4.90 13.15
C GLN C 139 -24.64 -3.44 13.51
N LYS C 140 -23.52 -2.86 13.09
CA LYS C 140 -23.26 -1.44 13.30
C LYS C 140 -23.86 -0.57 12.20
N ALA C 141 -24.36 -1.19 11.13
CA ALA C 141 -24.94 -0.49 10.00
C ALA C 141 -26.38 -0.96 9.80
N LYS C 142 -26.97 -0.54 8.68
CA LYS C 142 -28.31 -0.97 8.28
C LYS C 142 -28.24 -2.10 7.27
N SER C 143 -27.27 -2.99 7.41
CA SER C 143 -27.02 -4.04 6.45
C SER C 143 -27.32 -5.40 7.07
N THR C 144 -27.77 -6.34 6.25
CA THR C 144 -28.07 -7.69 6.67
C THR C 144 -27.17 -8.73 6.02
N ARG C 145 -25.87 -8.43 5.88
CA ARG C 145 -24.73 -9.26 5.41
C ARG C 145 -24.78 -9.55 3.91
N ASP C 146 -25.89 -9.29 3.23
CA ASP C 146 -26.00 -9.57 1.81
C ASP C 146 -25.81 -8.28 1.03
N SER C 147 -26.19 -7.15 1.62
CA SER C 147 -26.13 -5.87 0.93
C SER C 147 -24.74 -5.25 0.91
N VAL C 148 -23.77 -5.85 1.60
CA VAL C 148 -22.39 -5.38 1.58
C VAL C 148 -21.49 -6.24 0.73
N LEU C 149 -21.98 -7.37 0.22
CA LEU C 149 -21.14 -8.32 -0.48
C LEU C 149 -21.53 -8.57 -1.93
N LYS C 150 -22.75 -8.24 -2.35
CA LYS C 150 -23.09 -8.50 -3.75
C LYS C 150 -22.49 -7.47 -4.70
N PHE C 151 -22.33 -6.23 -4.27
CA PHE C 151 -21.69 -5.20 -5.08
C PHE C 151 -20.23 -5.05 -4.68
N GLU C 152 -19.49 -6.14 -4.80
CA GLU C 152 -18.10 -6.21 -4.37
C GLU C 152 -17.16 -6.63 -5.50
N PHE C 153 -17.52 -7.67 -6.26
CA PHE C 153 -16.73 -8.07 -7.42
C PHE C 153 -16.76 -7.01 -8.51
N LYS C 154 -17.95 -6.44 -8.77
CA LYS C 154 -18.08 -5.46 -9.83
C LYS C 154 -17.49 -4.11 -9.42
N LEU C 155 -17.42 -3.83 -8.11
CA LEU C 155 -16.78 -2.61 -7.66
C LEU C 155 -15.27 -2.68 -7.87
N LEU C 156 -14.68 -3.86 -7.65
CA LEU C 156 -13.27 -4.05 -7.94
C LEU C 156 -13.01 -4.14 -9.44
N GLU C 157 -14.00 -4.60 -10.22
CA GLU C 157 -13.84 -4.65 -11.66
C GLU C 157 -13.88 -3.26 -12.27
N SER C 158 -14.83 -2.42 -11.84
CA SER C 158 -14.93 -1.05 -12.30
C SER C 158 -13.86 -0.16 -11.69
N LEU C 159 -13.30 -0.56 -10.55
CA LEU C 159 -12.19 0.15 -9.93
C LEU C 159 -10.86 -0.17 -10.59
N LYS C 160 -10.82 -1.25 -11.37
CA LYS C 160 -9.66 -1.97 -11.90
C LYS C 160 -8.48 -2.06 -10.93
N PHE C 161 -8.78 -2.42 -9.68
CA PHE C 161 -7.83 -2.96 -8.69
C PHE C 161 -6.73 -1.99 -8.31
N SER C 162 -7.02 -0.69 -8.39
CA SER C 162 -6.12 0.34 -7.86
C SER C 162 -6.50 0.62 -6.41
N LEU C 163 -6.24 -0.38 -5.57
CA LEU C 163 -6.85 -0.44 -4.25
C LEU C 163 -5.99 0.24 -3.18
N LEU C 164 -4.78 0.69 -3.53
CA LEU C 164 -3.98 1.53 -2.68
C LEU C 164 -4.00 2.96 -3.21
N ASN C 165 -4.28 3.92 -2.33
CA ASN C 165 -4.38 5.32 -2.71
C ASN C 165 -3.47 6.16 -1.83
N HIS C 166 -2.89 7.20 -2.42
CA HIS C 166 -2.04 8.14 -1.70
C HIS C 166 -2.88 9.36 -1.31
N HIS C 167 -2.78 9.75 -0.04
CA HIS C 167 -3.68 10.72 0.55
C HIS C 167 -2.89 11.85 1.20
N PRO C 168 -3.44 13.06 1.26
CA PRO C 168 -2.65 14.22 1.71
C PRO C 168 -2.34 14.28 3.21
N TYR C 169 -2.72 13.30 4.03
CA TYR C 169 -2.46 13.38 5.46
C TYR C 169 -1.01 13.13 5.82
N LYS C 170 -0.33 12.26 5.08
CA LYS C 170 1.11 12.12 5.27
C LYS C 170 1.88 13.33 4.72
N PRO C 171 1.48 14.00 3.62
CA PRO C 171 2.03 15.35 3.40
C PRO C 171 1.71 16.39 4.47
N LEU C 172 0.57 16.28 5.17
CA LEU C 172 0.36 17.13 6.35
C LEU C 172 1.37 16.84 7.45
N HIS C 173 1.65 15.57 7.71
CA HIS C 173 2.65 15.30 8.75
C HIS C 173 4.08 15.54 8.25
N GLY C 174 4.29 15.63 6.95
CA GLY C 174 5.59 16.01 6.43
C GLY C 174 5.84 17.51 6.47
N PHE C 175 4.87 18.30 6.02
CA PHE C 175 4.96 19.75 6.05
C PHE C 175 4.54 20.33 7.39
N PHE C 176 4.13 19.49 8.34
CA PHE C 176 4.11 19.86 9.74
C PHE C 176 5.52 19.96 10.29
N LEU C 177 6.48 19.27 9.68
CA LEU C 177 7.83 19.19 10.19
C LEU C 177 8.82 19.96 9.34
N ASP C 178 8.59 20.07 8.04
CA ASP C 178 9.51 20.77 7.16
C ASP C 178 9.36 22.29 7.22
N ILE C 179 8.23 22.79 7.75
CA ILE C 179 8.15 24.21 8.08
C ILE C 179 9.12 24.55 9.20
N GLN C 180 9.15 23.72 10.25
CA GLN C 180 9.97 24.01 11.42
C GLN C 180 11.46 23.82 11.15
N ASN C 181 11.83 23.01 10.16
CA ASN C 181 13.24 22.78 9.89
C ASN C 181 13.88 23.95 9.15
N VAL C 182 13.17 24.54 8.20
CA VAL C 182 13.77 25.59 7.37
C VAL C 182 13.50 26.97 7.96
N LEU C 183 12.48 27.11 8.80
CA LEU C 183 12.10 28.41 9.35
C LEU C 183 12.20 28.36 10.87
N TYR C 184 12.61 29.48 11.46
CA TYR C 184 12.68 29.60 12.91
C TYR C 184 12.14 30.92 13.44
N GLY C 185 11.68 31.83 12.58
CA GLY C 185 11.23 33.14 13.02
C GLY C 185 9.90 33.13 13.73
N LYS C 186 8.85 32.71 13.03
CA LYS C 186 7.50 32.60 13.59
C LYS C 186 7.00 31.18 13.29
N VAL C 187 7.23 30.27 14.23
CA VAL C 187 6.88 28.87 14.06
C VAL C 187 6.05 28.41 15.25
N ASP C 188 5.33 27.30 15.02
CA ASP C 188 4.76 26.30 15.93
C ASP C 188 3.97 26.83 17.13
N LEU C 189 3.53 28.09 17.13
CA LEU C 189 2.56 28.53 18.10
C LEU C 189 1.20 28.45 17.44
N ASN C 190 0.92 29.25 16.42
CA ASN C 190 -0.36 29.15 15.71
C ASN C 190 -0.39 27.93 14.81
N TYR C 191 0.78 27.41 14.44
CA TYR C 191 0.81 26.34 13.47
C TYR C 191 0.49 25.01 14.13
N MET C 192 0.68 24.90 15.45
CA MET C 192 0.00 23.83 16.18
C MET C 192 -1.28 24.28 16.85
N GLY C 193 -1.58 25.58 16.87
CA GLY C 193 -2.85 26.01 17.43
C GLY C 193 -4.03 25.73 16.53
N GLN C 194 -3.95 26.14 15.25
CA GLN C 194 -5.13 26.16 14.41
C GLN C 194 -4.87 25.70 12.98
N ILE C 195 -3.96 24.75 12.78
CA ILE C 195 -3.68 24.21 11.46
C ILE C 195 -4.06 22.73 11.37
N TYR C 196 -3.67 21.93 12.36
CA TYR C 196 -4.00 20.52 12.38
C TYR C 196 -5.50 20.26 12.58
N ASP C 197 -6.23 21.21 13.13
CA ASP C 197 -7.67 21.09 13.31
C ASP C 197 -8.47 21.75 12.20
N ARG C 198 -7.81 22.40 11.24
CA ARG C 198 -8.51 23.10 10.16
C ARG C 198 -8.19 22.53 8.79
N CYS C 199 -6.91 22.30 8.49
CA CYS C 199 -6.51 21.81 7.18
C CYS C 199 -6.95 20.36 6.96
N LYS C 200 -7.10 19.59 8.05
CA LYS C 200 -7.64 18.24 7.95
C LYS C 200 -9.08 18.24 7.46
N LYS C 201 -9.92 19.12 8.05
CA LYS C 201 -11.30 19.24 7.61
C LYS C 201 -11.40 19.84 6.21
N ARG C 202 -10.46 20.74 5.87
CA ARG C 202 -10.44 21.29 4.51
C ARG C 202 -10.06 20.24 3.48
N ILE C 203 -9.22 19.26 3.83
CA ILE C 203 -8.92 18.20 2.86
C ILE C 203 -10.01 17.12 2.83
N THR C 204 -10.76 16.92 3.93
CA THR C 204 -11.98 16.12 3.81
C THR C 204 -13.00 16.79 2.88
N ALA C 205 -13.15 18.11 2.99
CA ALA C 205 -13.98 18.85 2.04
C ALA C 205 -13.39 18.86 0.64
N ALA C 206 -12.06 18.74 0.51
CA ALA C 206 -11.43 18.65 -0.80
C ALA C 206 -11.68 17.30 -1.45
N LEU C 207 -11.64 16.23 -0.67
CA LEU C 207 -11.95 14.90 -1.17
C LEU C 207 -13.41 14.74 -1.51
N LEU C 208 -14.29 15.51 -0.85
CA LEU C 208 -15.67 15.62 -1.34
C LEU C 208 -15.74 16.31 -2.70
N THR C 209 -14.86 17.25 -2.97
CA THR C 209 -14.83 17.89 -4.27
C THR C 209 -13.93 17.09 -5.22
N ASP C 210 -13.63 17.66 -6.38
CA ASP C 210 -12.92 16.96 -7.44
C ASP C 210 -11.58 17.70 -7.52
N VAL C 211 -10.62 17.27 -6.70
CA VAL C 211 -9.27 17.81 -6.76
C VAL C 211 -8.20 16.72 -6.81
N VAL C 212 -8.47 15.50 -6.36
CA VAL C 212 -7.44 14.48 -6.26
C VAL C 212 -7.16 13.82 -7.60
N TYR C 213 -8.03 14.02 -8.59
CA TYR C 213 -7.73 13.56 -9.94
C TYR C 213 -6.92 14.57 -10.72
N PHE C 214 -6.66 15.75 -10.14
CA PHE C 214 -5.96 16.84 -10.79
C PHE C 214 -4.49 16.92 -10.38
N TYR C 215 -4.21 16.99 -9.09
CA TYR C 215 -2.86 17.26 -8.60
C TYR C 215 -2.45 16.23 -7.55
N THR C 216 -1.14 16.19 -7.33
CA THR C 216 -0.52 15.27 -6.39
C THR C 216 -0.86 15.70 -4.97
N PRO C 217 -1.00 14.77 -4.02
CA PRO C 217 -1.41 15.11 -2.63
C PRO C 217 -0.49 16.08 -1.88
N PRO C 218 0.83 16.15 -2.12
CA PRO C 218 1.56 17.34 -1.61
C PRO C 218 1.12 18.66 -2.20
N GLN C 219 0.70 18.70 -3.46
CA GLN C 219 0.21 19.95 -4.04
C GLN C 219 -1.15 20.34 -3.47
N ILE C 220 -2.01 19.36 -3.18
CA ILE C 220 -3.29 19.63 -2.52
C ILE C 220 -3.05 20.08 -1.08
N THR C 221 -2.04 19.49 -0.41
CA THR C 221 -1.64 19.91 0.93
C THR C 221 -1.15 21.35 0.96
N LEU C 222 -0.28 21.71 0.04
CA LEU C 222 0.21 23.09 -0.02
C LEU C 222 -0.84 24.06 -0.55
N ALA C 223 -1.86 23.57 -1.26
CA ALA C 223 -2.98 24.42 -1.62
C ALA C 223 -3.82 24.74 -0.40
N THR C 224 -4.15 23.73 0.41
CA THR C 224 -4.95 23.96 1.59
C THR C 224 -4.17 24.59 2.73
N LEU C 225 -2.85 24.66 2.65
CA LEU C 225 -2.06 25.43 3.60
C LEU C 225 -2.03 26.92 3.28
N LEU C 226 -2.56 27.34 2.13
CA LEU C 226 -2.53 28.73 1.69
C LEU C 226 -3.68 29.55 2.29
N ILE C 227 -4.48 28.94 3.17
CA ILE C 227 -5.48 29.68 3.95
C ILE C 227 -4.80 30.71 4.83
N GLU C 228 -3.71 30.33 5.48
CA GLU C 228 -2.82 31.26 6.17
C GLU C 228 -1.58 31.44 5.31
N ASP C 229 -1.66 32.37 4.36
CA ASP C 229 -0.57 32.72 3.45
C ASP C 229 0.05 34.07 3.80
N GLU C 230 -0.10 34.51 5.05
CA GLU C 230 0.48 35.78 5.46
C GLU C 230 2.00 35.68 5.58
N ALA C 231 2.50 34.62 6.21
CA ALA C 231 3.93 34.42 6.31
C ALA C 231 4.39 32.97 6.17
N LEU C 232 3.49 32.00 6.01
CA LEU C 232 3.89 30.60 6.06
C LEU C 232 4.37 30.07 4.70
N VAL C 233 3.49 30.06 3.71
CA VAL C 233 3.73 29.31 2.48
C VAL C 233 4.71 30.03 1.56
N THR C 234 4.59 31.36 1.48
CA THR C 234 5.48 32.16 0.64
C THR C 234 6.91 32.15 1.19
N ARG C 235 7.07 32.23 2.51
CA ARG C 235 8.40 32.11 3.09
C ARG C 235 8.90 30.68 3.10
N TYR C 236 8.01 29.69 2.99
CA TYR C 236 8.47 28.30 2.86
C TYR C 236 9.04 28.05 1.47
N LEU C 237 8.26 28.35 0.42
CA LEU C 237 8.67 27.95 -0.91
C LEU C 237 9.73 28.87 -1.52
N GLU C 238 9.96 30.05 -0.97
CA GLU C 238 11.02 30.91 -1.49
C GLU C 238 12.40 30.45 -1.06
N THR C 239 12.54 29.99 0.18
CA THR C 239 13.84 29.55 0.70
C THR C 239 14.14 28.09 0.42
N LYS C 240 13.16 27.29 0.02
CA LYS C 240 13.43 25.90 -0.33
C LYS C 240 14.16 25.81 -1.66
N PHE C 241 13.67 26.55 -2.66
CA PHE C 241 14.10 26.53 -4.06
C PHE C 241 14.13 25.12 -4.67
N SER C 280 16.66 22.01 -8.06
CA SER C 280 16.16 21.06 -9.04
C SER C 280 14.73 21.38 -9.44
N ILE C 281 13.99 21.99 -8.51
CA ILE C 281 12.59 22.37 -8.73
C ILE C 281 12.49 23.88 -8.60
N ASP C 282 12.02 24.53 -9.66
CA ASP C 282 11.80 25.97 -9.62
C ASP C 282 10.60 26.30 -8.76
N SER C 283 10.59 27.51 -8.21
CA SER C 283 9.58 27.89 -7.23
C SER C 283 8.32 28.45 -7.86
N ALA C 284 8.45 29.35 -8.85
CA ALA C 284 7.32 30.13 -9.36
C ALA C 284 6.32 29.26 -10.11
N LYS C 285 6.81 28.21 -10.79
CA LYS C 285 5.92 27.23 -11.40
C LYS C 285 5.11 26.48 -10.35
N LEU C 286 5.72 26.19 -9.19
CA LEU C 286 5.00 25.52 -8.12
C LEU C 286 3.99 26.44 -7.46
N LEU C 287 4.33 27.74 -7.33
CA LEU C 287 3.34 28.71 -6.85
C LEU C 287 2.15 28.85 -7.80
N THR C 288 2.40 28.82 -9.13
CA THR C 288 1.28 28.87 -10.06
C THR C 288 0.43 27.60 -10.04
N ILE C 289 1.06 26.44 -9.82
CA ILE C 289 0.33 25.18 -9.69
C ILE C 289 -0.55 25.18 -8.43
N ILE C 290 0.00 25.64 -7.31
CA ILE C 290 -0.75 25.74 -6.05
C ILE C 290 -1.86 26.79 -6.17
N ARG C 291 -1.61 27.89 -6.89
CA ARG C 291 -2.62 28.93 -7.07
C ARG C 291 -3.78 28.47 -7.95
N GLU C 292 -3.49 27.72 -9.02
CA GLU C 292 -4.59 27.22 -9.83
C GLU C 292 -5.31 26.06 -9.14
N CYS C 293 -4.63 25.34 -8.24
CA CYS C 293 -5.33 24.36 -7.40
C CYS C 293 -6.26 25.05 -6.42
N LYS C 294 -5.85 26.20 -5.89
CA LYS C 294 -6.74 27.01 -5.05
C LYS C 294 -7.91 27.58 -5.85
N SER C 295 -7.67 27.91 -7.12
CA SER C 295 -8.77 28.33 -7.99
C SER C 295 -9.73 27.18 -8.27
N ILE C 296 -9.22 25.95 -8.31
CA ILE C 296 -10.09 24.78 -8.46
C ILE C 296 -10.92 24.54 -7.20
N ILE C 297 -10.28 24.63 -6.02
CA ILE C 297 -10.96 24.26 -4.78
C ILE C 297 -11.98 25.32 -4.34
N GLU C 298 -11.85 26.55 -4.81
CA GLU C 298 -12.75 27.62 -4.41
C GLU C 298 -14.06 27.57 -5.18
N ASP C 299 -14.25 26.79 -6.39
CA ASP C 299 -15.52 26.67 -7.10
C ASP C 299 -16.34 25.58 -6.43
N CYS C 300 -16.92 25.94 -5.29
CA CYS C 300 -17.62 24.99 -4.43
C CYS C 300 -19.10 25.33 -4.37
N LYS C 301 -19.91 24.28 -4.30
CA LYS C 301 -21.37 24.38 -4.21
C LYS C 301 -21.89 23.15 -3.48
N PRO C 302 -22.57 23.32 -2.35
CA PRO C 302 -22.97 22.16 -1.54
C PRO C 302 -24.19 21.47 -2.12
N PRO C 303 -24.65 20.40 -1.49
CA PRO C 303 -25.80 19.66 -2.04
C PRO C 303 -27.13 20.28 -1.66
N SER C 304 -28.23 19.64 -2.06
CA SER C 304 -29.57 20.15 -1.79
C SER C 304 -30.45 18.96 -1.42
N THR C 305 -31.77 19.17 -1.40
CA THR C 305 -32.70 18.12 -1.03
C THR C 305 -33.68 17.85 -2.17
N GLU C 306 -33.43 18.50 -3.56
CA GLU C 306 -34.19 18.39 -4.81
C GLU C 306 -33.83 17.19 -5.66
N GLU C 307 -32.55 16.85 -5.75
CA GLU C 307 -32.10 15.72 -6.55
C GLU C 307 -32.79 14.42 -6.15
N ALA C 308 -33.25 14.37 -4.89
CA ALA C 308 -33.91 13.18 -4.35
C ALA C 308 -35.22 12.83 -5.07
N LYS C 309 -35.99 13.84 -5.41
CA LYS C 309 -37.29 13.64 -6.06
C LYS C 309 -37.24 12.96 -7.42
N LYS C 310 -36.26 13.31 -8.25
CA LYS C 310 -36.13 12.72 -9.57
C LYS C 310 -35.90 11.21 -9.54
N ILE C 311 -35.07 10.75 -8.62
CA ILE C 311 -34.77 9.32 -8.54
C ILE C 311 -35.69 8.54 -7.61
N ALA C 312 -36.35 9.23 -6.69
CA ALA C 312 -37.23 8.57 -5.74
C ALA C 312 -38.44 7.83 -6.33
N ALA C 313 -39.13 8.46 -7.29
CA ALA C 313 -40.31 7.80 -7.87
C ALA C 313 -40.29 7.55 -9.38
N LYS C 314 -39.59 8.41 -10.13
CA LYS C 314 -39.53 8.27 -11.58
C LYS C 314 -38.86 7.00 -12.09
N ASN C 315 -37.76 6.60 -11.45
CA ASN C 315 -37.02 5.42 -11.87
C ASN C 315 -37.49 4.12 -11.25
N TYR C 316 -37.83 3.15 -12.10
CA TYR C 316 -38.26 1.84 -11.63
C TYR C 316 -39.50 1.66 -10.75
N TYR C 317 -40.21 2.75 -10.39
CA TYR C 317 -41.32 2.62 -9.43
C TYR C 317 -42.58 3.41 -9.71
N CYS C 318 -42.41 4.57 -10.34
CA CYS C 318 -43.52 5.47 -10.74
C CYS C 318 -44.49 4.85 -11.75
N GLN C 319 -43.94 3.93 -12.56
CA GLN C 319 -44.56 3.15 -13.57
C GLN C 319 -45.71 2.33 -12.97
N ASN C 320 -45.40 1.83 -11.79
CA ASN C 320 -46.31 1.07 -11.00
C ASN C 320 -47.48 1.99 -10.83
N PRO C 321 -47.20 3.28 -10.54
CA PRO C 321 -48.33 4.21 -10.43
C PRO C 321 -49.13 4.28 -11.72
N SER C 322 -48.43 4.33 -12.86
CA SER C 322 -49.11 4.41 -14.12
C SER C 322 -49.96 3.19 -14.34
N THR C 323 -49.40 2.02 -14.03
CA THR C 323 -50.11 0.76 -14.20
C THR C 323 -51.36 0.69 -13.36
N LEU C 324 -51.28 1.20 -12.14
CA LEU C 324 -52.44 1.16 -11.24
C LEU C 324 -52.47 2.31 -10.23
PB ADP D . 3.72 -19.51 0.69
O1B ADP D . 4.17 -20.86 1.21
O2B ADP D . 2.65 -18.95 1.60
O3B ADP D . 4.92 -18.53 0.66
PA ADP D . 1.68 -20.36 -1.19
O1A ADP D . 1.47 -21.52 -0.24
O2A ADP D . 0.59 -19.37 -1.02
O3A ADP D . 3.12 -19.67 -0.85
O5' ADP D . 1.70 -20.92 -2.76
C5' ADP D . 2.96 -21.05 -3.40
C4' ADP D . 2.95 -22.32 -4.30
O4' ADP D . 2.78 -21.95 -5.55
C3' ADP D . 4.32 -23.02 -4.22
O3' ADP D . 4.16 -24.33 -4.16
C2' ADP D . 5.04 -22.64 -5.54
O2' ADP D . 5.90 -23.75 -6.01
C1' ADP D . 4.08 -22.45 -6.40
N9 ADP D . 4.46 -21.44 -7.34
C8 ADP D . 4.08 -20.20 -6.95
N7 ADP D . 4.48 -19.34 -7.88
C5 ADP D . 5.11 -20.03 -8.85
C6 ADP D . 5.71 -19.65 -10.01
N6 ADP D . 5.78 -18.28 -10.49
N1 ADP D . 6.27 -20.55 -10.81
C2 ADP D . 6.26 -21.87 -10.47
N3 ADP D . 5.67 -22.25 -9.31
C4 ADP D . 5.10 -21.33 -8.51
AL AF3 E . 4.59 -24.48 -0.61
F1 AF3 E . 2.90 -24.64 -0.67
F2 AF3 E . 5.34 -23.67 0.70
F3 AF3 E . 5.56 -25.17 -1.84
#